data_3MWA
#
_entry.id   3MWA
#
_cell.length_a   80.473
_cell.length_b   83.519
_cell.length_c   89.614
_cell.angle_alpha   90.00
_cell.angle_beta   90.00
_cell.angle_gamma   90.00
#
_symmetry.space_group_name_H-M   'P 21 21 2'
#
loop_
_entity.id
_entity.type
_entity.pdbx_description
1 polymer "Orotidine 5'-phosphate decarboxylase"
2 non-polymer "2'-deoxy-2'-fluorouridine 5'-(dihydrogen phosphate)"
3 non-polymer DI(HYDROXYETHYL)ETHER
4 non-polymer 'PHOSPHATE ION'
5 water water
#
_entity_poly.entity_id   1
_entity_poly.type   'polypeptide(L)'
_entity_poly.pdbx_seq_one_letter_code
;MGSSHHHHHHSSGLVPRGSMGFKVKLEKRRNAINTCLCIGLDPDEKDIENFMKNEKENNYNNIKKNLKEKYINNVSIKKD
ILLKAPDNIIREEKSEEFFYFFNHFCFYIINETNKYALTFKMNFAFYIPYGSVGIDVLKNVFDYLYELNIPTILDMKIND
IGNTVKNYRKFIFEYLKSDSCTVNIYMGTNMLKDICYDEEKNKYYSAFVLVKTTNPDSAIFQKNLSLDNKQAYVIMAQEA
LNMSSYLNLEQNNEFIGFVVGANSYDEMNYIRTYFPNCYILSPGIGAQNGDLHKTLTNGYHKSYEKILINIGRAITKNPY
PQKAAQMYYDQINAILKQNMES
;
_entity_poly.pdbx_strand_id   A,B
#
loop_
_chem_comp.id
_chem_comp.type
_chem_comp.name
_chem_comp.formula
PEG non-polymer DI(HYDROXYETHYL)ETHER 'C4 H10 O3'
PO4 non-polymer 'PHOSPHATE ION' 'O4 P -3'
UFT DNA linking '2'-deoxy-2'-fluorouridine 5'-(dihydrogen phosphate)' 'C9 H12 F N2 O8 P'
#
# COMPACT_ATOMS: atom_id res chain seq x y z
N GLY A 13 22.17 24.85 21.70
CA GLY A 13 21.75 23.43 21.95
C GLY A 13 20.38 23.10 21.41
N LEU A 14 19.85 23.99 20.58
CA LEU A 14 18.49 23.93 20.04
C LEU A 14 18.49 23.48 18.59
N VAL A 15 17.60 22.52 18.31
CA VAL A 15 17.36 22.06 16.94
C VAL A 15 16.02 22.60 16.45
N PRO A 16 16.01 23.16 15.22
CA PRO A 16 14.76 23.70 14.66
C PRO A 16 13.80 22.65 14.08
N ARG A 17 12.50 22.98 14.08
CA ARG A 17 11.46 22.11 13.55
C ARG A 17 11.85 21.44 12.22
N GLY A 18 11.76 20.12 12.15
CA GLY A 18 12.10 19.38 10.94
C GLY A 18 13.57 18.93 10.85
N SER A 19 14.42 19.45 11.75
CA SER A 19 15.85 19.16 11.67
C SER A 19 16.37 18.34 12.83
N MET A 20 15.77 17.16 13.01
CA MET A 20 16.23 16.20 14.00
C MET A 20 15.66 14.83 13.65
N GLY A 21 16.22 13.78 14.24
CA GLY A 21 15.72 12.43 14.03
C GLY A 21 14.41 12.20 14.76
N PHE A 22 13.65 11.21 14.34
CA PHE A 22 12.33 10.97 14.95
C PHE A 22 12.40 10.66 16.44
N LYS A 23 13.41 9.91 16.89
CA LYS A 23 13.55 9.61 18.32
C LYS A 23 13.55 10.89 19.13
N VAL A 24 14.29 11.88 18.64
CA VAL A 24 14.41 13.20 19.30
C VAL A 24 13.10 13.98 19.24
N LYS A 25 12.45 13.97 18.07
CA LYS A 25 11.18 14.66 17.93
C LYS A 25 10.12 14.08 18.88
N LEU A 26 10.05 12.75 18.99
CA LEU A 26 9.09 12.11 19.89
C LEU A 26 9.37 12.42 21.35
N GLU A 27 10.64 12.31 21.74
CA GLU A 27 11.03 12.59 23.12
C GLU A 27 10.66 14.02 23.50
N LYS A 28 10.94 15.00 22.63
CA LYS A 28 10.64 16.40 22.93
C LYS A 28 9.14 16.63 23.11
N ARG A 29 8.35 16.02 22.22
CA ARG A 29 6.91 16.15 22.31
C ARG A 29 6.34 15.45 23.54
N ARG A 30 6.87 14.26 23.86
CA ARG A 30 6.48 13.56 25.08
C ARG A 30 6.83 14.39 26.31
N ASN A 31 7.97 15.07 26.32
CA ASN A 31 8.26 15.94 27.46
C ASN A 31 7.30 17.11 27.58
N ALA A 32 6.83 17.59 26.44
CA ALA A 32 5.93 18.72 26.37
C ALA A 32 4.53 18.37 26.86
N ILE A 33 3.96 17.29 26.34
CA ILE A 33 2.54 17.07 26.62
C ILE A 33 2.21 15.88 27.51
N ASN A 34 3.24 15.10 27.85
CA ASN A 34 3.18 14.08 28.90
C ASN A 34 2.11 13.03 28.64
N THR A 35 2.05 12.52 27.41
CA THR A 35 1.14 11.42 27.09
C THR A 35 1.72 10.48 26.02
N CYS A 36 1.01 9.39 25.75
CA CYS A 36 1.38 8.52 24.62
C CYS A 36 0.20 8.28 23.65
N LEU A 37 -0.84 9.11 23.78
CA LEU A 37 -1.94 9.09 22.82
C LEU A 37 -1.46 9.32 21.40
N CYS A 38 -1.81 8.38 20.52
CA CYS A 38 -1.61 8.50 19.09
C CYS A 38 -3.01 8.60 18.48
N ILE A 39 -3.31 9.72 17.83
CA ILE A 39 -4.65 9.89 17.29
C ILE A 39 -4.67 9.39 15.85
N GLY A 40 -5.59 8.48 15.56
CA GLY A 40 -5.73 7.92 14.21
C GLY A 40 -6.68 8.76 13.38
N LEU A 41 -6.28 9.07 12.16
CA LEU A 41 -7.12 9.86 11.27
C LEU A 41 -7.42 9.04 10.01
N ASP A 42 -8.52 8.30 10.09
CA ASP A 42 -8.91 7.34 9.08
C ASP A 42 -10.34 7.72 8.66
N PRO A 43 -10.49 8.80 7.87
CA PRO A 43 -11.86 9.23 7.58
C PRO A 43 -12.51 8.35 6.52
N ASP A 44 -13.70 7.85 6.79
CA ASP A 44 -14.38 7.07 5.75
C ASP A 44 -15.41 7.90 4.99
N GLU A 45 -16.06 7.30 4.00
CA GLU A 45 -16.98 8.07 3.18
C GLU A 45 -18.10 8.66 4.03
N LYS A 46 -18.59 7.90 5.02
CA LYS A 46 -19.67 8.37 5.88
C LYS A 46 -19.24 9.56 6.73
N ASP A 47 -18.03 9.49 7.28
CA ASP A 47 -17.44 10.62 7.97
C ASP A 47 -17.45 11.91 7.15
N ILE A 48 -17.00 11.83 5.90
CA ILE A 48 -16.87 13.00 5.03
C ILE A 48 -18.25 13.58 4.71
N GLU A 49 -19.12 12.67 4.27
N GLU A 49 -19.20 12.72 4.40
CA GLU A 49 -20.52 12.94 3.96
CA GLU A 49 -20.57 13.18 4.14
C GLU A 49 -21.23 13.61 5.13
C GLU A 49 -21.29 13.71 5.38
N ASN A 50 -21.03 13.05 6.32
N ASN A 50 -21.09 13.07 6.52
CA ASN A 50 -21.61 13.58 7.55
CA ASN A 50 -21.63 13.60 7.77
C ASN A 50 -21.10 15.00 7.86
C ASN A 50 -21.06 14.97 8.09
N PHE A 51 -19.77 15.18 7.80
CA PHE A 51 -19.14 16.49 7.97
C PHE A 51 -19.75 17.53 7.04
N MET A 52 -19.84 17.19 5.76
CA MET A 52 -20.49 18.08 4.80
C MET A 52 -21.92 18.45 5.21
N LYS A 53 -22.73 17.44 5.51
CA LYS A 53 -24.09 17.64 5.98
C LYS A 53 -24.16 18.56 7.20
N ASN A 54 -23.38 18.27 8.25
CA ASN A 54 -23.34 19.06 9.45
C ASN A 54 -22.91 20.50 9.23
N GLU A 55 -21.84 20.70 8.46
CA GLU A 55 -21.38 22.06 8.15
C GLU A 55 -22.46 22.83 7.37
N LYS A 56 -23.08 22.18 6.39
CA LYS A 56 -24.19 22.83 5.67
C LYS A 56 -25.32 23.26 6.59
N GLU A 57 -25.61 22.47 7.62
CA GLU A 57 -26.66 22.78 8.59
C GLU A 57 -26.30 23.88 9.58
N ASN A 58 -25.01 24.16 9.73
CA ASN A 58 -24.58 25.11 10.74
C ASN A 58 -23.77 26.26 10.20
N ASN A 59 -24.01 26.58 8.94
CA ASN A 59 -23.32 27.65 8.24
C ASN A 59 -21.80 27.50 8.37
N TYR A 60 -21.34 26.25 8.30
CA TYR A 60 -19.91 25.97 8.14
C TYR A 60 -19.04 26.49 9.28
N ASN A 61 -19.55 26.41 10.51
N ASN A 61 -19.51 26.46 10.53
CA ASN A 61 -18.83 26.89 11.69
CA ASN A 61 -18.70 27.03 11.60
C ASN A 61 -17.39 26.39 11.77
C ASN A 61 -17.31 26.40 11.73
N ASN A 62 -17.21 25.09 11.53
CA ASN A 62 -15.89 24.46 11.66
C ASN A 62 -14.96 24.77 10.50
N ILE A 63 -15.52 24.79 9.30
CA ILE A 63 -14.72 25.18 8.16
C ILE A 63 -14.19 26.61 8.33
N LYS A 64 -15.04 27.54 8.77
CA LYS A 64 -14.60 28.91 9.01
C LYS A 64 -13.49 28.99 10.06
N LYS A 65 -13.56 28.16 11.10
CA LYS A 65 -12.45 28.08 12.05
C LYS A 65 -11.17 27.54 11.43
N ASN A 66 -11.29 26.49 10.62
CA ASN A 66 -10.13 25.99 9.84
C ASN A 66 -9.45 27.11 9.05
N LEU A 67 -10.27 27.96 8.42
CA LEU A 67 -9.75 28.98 7.51
C LEU A 67 -9.01 30.11 8.22
N LYS A 68 -9.13 30.18 9.55
CA LYS A 68 -8.40 31.24 10.23
C LYS A 68 -7.04 30.75 10.71
N GLU A 69 -6.82 29.43 10.64
CA GLU A 69 -5.58 28.85 11.16
C GLU A 69 -4.44 29.15 10.19
N LYS A 70 -3.32 29.62 10.72
CA LYS A 70 -2.33 30.23 9.82
C LYS A 70 -1.73 29.25 8.81
N TYR A 71 -1.54 28.00 9.24
CA TYR A 71 -0.80 27.02 8.43
C TYR A 71 -1.57 26.41 7.28
N ILE A 72 -2.86 26.72 7.20
CA ILE A 72 -3.62 26.34 6.02
C ILE A 72 -3.03 26.98 4.76
N ASN A 73 -2.36 28.13 4.95
CA ASN A 73 -1.66 28.84 3.88
C ASN A 73 -0.35 28.20 3.44
N ASN A 74 0.05 27.14 4.11
CA ASN A 74 1.31 26.47 3.84
C ASN A 74 1.15 25.06 3.30
N VAL A 75 -0.06 24.64 2.96
CA VAL A 75 -0.23 23.33 2.36
C VAL A 75 0.01 23.44 0.85
N SER A 76 0.38 22.31 0.23
CA SER A 76 0.88 22.33 -1.14
C SER A 76 -0.19 22.36 -2.22
N ILE A 77 -1.30 21.66 -2.01
CA ILE A 77 -2.22 21.38 -3.12
C ILE A 77 -3.53 22.18 -3.12
N LYS A 78 -3.79 22.86 -4.24
CA LYS A 78 -5.07 23.54 -4.42
C LYS A 78 -5.48 24.44 -3.25
N LYS A 79 -4.54 25.24 -2.72
CA LYS A 79 -4.92 26.24 -1.72
C LYS A 79 -6.00 27.18 -2.22
N ASP A 80 -5.94 27.52 -3.50
CA ASP A 80 -6.94 28.36 -4.17
C ASP A 80 -8.36 27.85 -3.86
N ILE A 81 -8.55 26.54 -3.96
CA ILE A 81 -9.83 25.92 -3.64
C ILE A 81 -10.08 25.82 -2.14
N LEU A 82 -9.10 25.34 -1.37
CA LEU A 82 -9.27 25.17 0.08
C LEU A 82 -9.64 26.44 0.83
N LEU A 83 -9.14 27.57 0.36
CA LEU A 83 -9.38 28.86 1.01
C LEU A 83 -10.65 29.60 0.56
N LYS A 84 -11.39 29.04 -0.38
CA LYS A 84 -12.65 29.64 -0.74
C LYS A 84 -13.68 29.57 0.37
N ALA A 85 -14.60 30.53 0.36
CA ALA A 85 -15.84 30.41 1.14
C ALA A 85 -16.61 29.14 0.77
N PRO A 86 -17.08 28.39 1.78
CA PRO A 86 -17.81 27.13 1.57
C PRO A 86 -19.02 27.27 0.65
N ASP A 87 -19.79 28.34 0.76
CA ASP A 87 -20.92 28.47 -0.15
C ASP A 87 -20.49 28.68 -1.61
N ASN A 88 -19.30 29.25 -1.82
CA ASN A 88 -18.74 29.35 -3.18
C ASN A 88 -18.32 28.02 -3.74
N ILE A 89 -17.77 27.17 -2.88
CA ILE A 89 -17.46 25.81 -3.28
C ILE A 89 -18.70 25.09 -3.79
N ILE A 90 -19.76 25.09 -2.98
CA ILE A 90 -20.98 24.38 -3.28
C ILE A 90 -21.60 24.88 -4.58
N ARG A 91 -21.62 26.19 -4.77
CA ARG A 91 -22.30 26.82 -5.91
C ARG A 91 -21.45 26.91 -7.18
N GLU A 92 -20.16 27.14 -7.02
CA GLU A 92 -19.27 27.48 -8.13
C GLU A 92 -18.18 26.45 -8.42
N GLU A 93 -17.96 25.49 -7.50
CA GLU A 93 -16.85 24.54 -7.62
C GLU A 93 -17.37 23.15 -7.33
N LYS A 94 -18.45 22.76 -8.01
CA LYS A 94 -19.08 21.48 -7.74
C LYS A 94 -18.09 20.31 -7.84
N SER A 95 -17.22 20.32 -8.84
CA SER A 95 -16.32 19.17 -9.01
C SER A 95 -15.23 19.11 -7.93
N GLU A 96 -15.06 20.20 -7.17
CA GLU A 96 -14.12 20.23 -6.06
C GLU A 96 -14.77 20.06 -4.68
N GLU A 97 -16.08 19.90 -4.64
CA GLU A 97 -16.80 19.87 -3.37
C GLU A 97 -16.30 18.74 -2.47
N PHE A 98 -16.19 17.54 -3.03
CA PHE A 98 -15.68 16.41 -2.25
C PHE A 98 -14.27 16.64 -1.73
N PHE A 99 -13.35 17.08 -2.58
CA PHE A 99 -11.97 17.40 -2.16
C PHE A 99 -11.99 18.37 -0.98
N TYR A 100 -12.76 19.44 -1.16
CA TYR A 100 -12.90 20.49 -0.14
C TYR A 100 -13.41 19.97 1.21
N PHE A 101 -14.55 19.31 1.24
CA PHE A 101 -15.08 18.80 2.51
C PHE A 101 -14.26 17.66 3.14
N PHE A 102 -13.67 16.81 2.31
CA PHE A 102 -12.75 15.78 2.78
C PHE A 102 -11.55 16.48 3.46
N ASN A 103 -10.93 17.42 2.76
CA ASN A 103 -9.74 18.05 3.34
C ASN A 103 -10.10 18.85 4.60
N HIS A 104 -11.24 19.55 4.59
CA HIS A 104 -11.62 20.32 5.76
C HIS A 104 -12.02 19.45 6.95
N PHE A 105 -12.57 18.26 6.69
CA PHE A 105 -12.83 17.32 7.78
C PHE A 105 -11.52 16.97 8.48
N CYS A 106 -10.51 16.58 7.70
CA CYS A 106 -9.19 16.30 8.26
C CYS A 106 -8.59 17.45 9.06
N PHE A 107 -8.64 18.67 8.53
CA PHE A 107 -8.06 19.84 9.22
C PHE A 107 -8.83 20.05 10.52
N TYR A 108 -10.15 19.83 10.46
CA TYR A 108 -11.03 20.00 11.63
C TYR A 108 -10.63 19.06 12.77
N ILE A 109 -10.49 17.77 12.46
CA ILE A 109 -10.07 16.80 13.47
C ILE A 109 -8.71 17.22 14.04
N ILE A 110 -7.76 17.53 13.16
CA ILE A 110 -6.43 17.98 13.61
C ILE A 110 -6.49 19.22 14.51
N ASN A 111 -7.21 20.23 14.08
CA ASN A 111 -7.33 21.44 14.89
C ASN A 111 -7.98 21.16 16.24
N GLU A 112 -9.04 20.36 16.24
CA GLU A 112 -9.74 20.06 17.50
C GLU A 112 -8.92 19.21 18.49
N THR A 113 -8.06 18.33 18.00
CA THR A 113 -7.50 17.27 18.86
C THR A 113 -5.97 17.32 19.08
N ASN A 114 -5.28 18.11 18.25
CA ASN A 114 -3.81 18.08 18.24
C ASN A 114 -3.14 18.37 19.59
N LYS A 115 -3.75 19.19 20.44
CA LYS A 115 -3.08 19.50 21.70
C LYS A 115 -2.95 18.29 22.61
N TYR A 116 -3.72 17.24 22.32
CA TYR A 116 -3.65 16.00 23.13
C TYR A 116 -2.81 14.89 22.50
N ALA A 117 -2.33 15.10 21.29
CA ALA A 117 -1.74 14.02 20.49
C ALA A 117 -0.19 14.03 20.60
N LEU A 118 0.38 12.93 21.05
CA LEU A 118 1.81 12.68 20.88
C LEU A 118 2.13 12.49 19.40
N THR A 119 1.25 11.83 18.65
N THR A 119 1.26 11.79 18.68
CA THR A 119 1.46 11.55 17.24
CA THR A 119 1.43 11.53 17.26
C THR A 119 0.12 11.39 16.54
C THR A 119 0.06 11.56 16.57
N PHE A 120 0.06 11.71 15.26
CA PHE A 120 -1.11 11.35 14.43
C PHE A 120 -0.70 10.20 13.51
N LYS A 121 -1.59 9.21 13.35
CA LYS A 121 -1.33 8.13 12.36
C LYS A 121 -2.43 8.15 11.32
N MET A 122 -2.06 8.26 10.06
CA MET A 122 -3.04 8.29 8.95
C MET A 122 -2.93 6.98 8.20
N ASN A 123 -4.04 6.25 8.06
CA ASN A 123 -3.95 5.02 7.31
C ASN A 123 -4.25 5.26 5.83
N PHE A 124 -3.26 4.95 5.01
CA PHE A 124 -3.32 5.22 3.56
C PHE A 124 -4.63 4.72 2.90
N ALA A 125 -5.12 3.57 3.34
CA ALA A 125 -6.29 2.93 2.69
C ALA A 125 -7.48 3.89 2.60
N PHE A 126 -7.61 4.80 3.57
CA PHE A 126 -8.76 5.72 3.60
C PHE A 126 -8.67 6.86 2.60
N TYR A 127 -7.46 7.09 2.09
CA TYR A 127 -7.19 8.21 1.19
C TYR A 127 -7.13 7.87 -0.29
N ILE A 128 -7.15 6.57 -0.61
CA ILE A 128 -7.02 6.09 -1.99
C ILE A 128 -8.30 5.71 -2.76
N PRO A 129 -9.42 5.41 -2.05
CA PRO A 129 -10.52 4.75 -2.76
C PRO A 129 -11.34 5.60 -3.74
N TYR A 130 -11.05 6.90 -3.78
CA TYR A 130 -11.72 7.82 -4.72
C TYR A 130 -10.78 8.17 -5.84
N GLY A 131 -9.62 7.52 -5.89
CA GLY A 131 -8.57 7.89 -6.85
C GLY A 131 -7.67 9.02 -6.38
N SER A 132 -7.21 9.85 -7.31
CA SER A 132 -6.21 10.88 -7.00
C SER A 132 -6.65 11.90 -5.94
N VAL A 133 -7.95 12.21 -5.87
CA VAL A 133 -8.43 13.30 -5.01
C VAL A 133 -8.02 13.11 -3.55
N GLY A 134 -8.13 11.90 -3.02
CA GLY A 134 -7.76 11.65 -1.63
C GLY A 134 -6.26 11.74 -1.38
N ILE A 135 -5.44 11.53 -2.41
CA ILE A 135 -4.00 11.64 -2.25
C ILE A 135 -3.61 13.12 -2.14
N ASP A 136 -4.31 13.98 -2.86
CA ASP A 136 -4.14 15.41 -2.64
C ASP A 136 -4.47 15.78 -1.19
N VAL A 137 -5.60 15.30 -0.68
CA VAL A 137 -5.96 15.49 0.72
C VAL A 137 -4.84 15.00 1.66
N LEU A 138 -4.35 13.79 1.43
CA LEU A 138 -3.34 13.19 2.30
C LEU A 138 -2.05 14.04 2.30
N LYS A 139 -1.65 14.52 1.12
CA LYS A 139 -0.47 15.38 1.03
C LYS A 139 -0.69 16.65 1.85
N ASN A 140 -1.89 17.23 1.76
CA ASN A 140 -2.19 18.45 2.52
C ASN A 140 -2.20 18.21 4.03
N VAL A 141 -2.73 17.06 4.43
CA VAL A 141 -2.76 16.65 5.84
C VAL A 141 -1.33 16.54 6.36
N PHE A 142 -0.47 15.86 5.61
CA PHE A 142 0.95 15.78 5.99
C PHE A 142 1.67 17.13 6.02
N ASP A 143 1.45 17.99 5.03
CA ASP A 143 2.05 19.33 5.04
C ASP A 143 1.60 20.11 6.28
N TYR A 144 0.31 20.02 6.57
CA TYR A 144 -0.31 20.70 7.72
C TYR A 144 0.30 20.20 9.02
N LEU A 145 0.40 18.88 9.21
CA LEU A 145 1.01 18.32 10.43
C LEU A 145 2.50 18.69 10.56
N TYR A 146 3.20 18.74 9.43
CA TYR A 146 4.60 19.18 9.41
C TYR A 146 4.73 20.63 9.92
N GLU A 147 3.84 21.48 9.46
CA GLU A 147 3.83 22.89 9.86
C GLU A 147 3.50 23.03 11.34
N LEU A 148 2.57 22.23 11.86
CA LEU A 148 2.27 22.19 13.31
C LEU A 148 3.33 21.50 14.14
N ASN A 149 4.21 20.76 13.47
CA ASN A 149 5.27 19.97 14.09
C ASN A 149 4.77 18.82 14.95
N ILE A 150 3.68 18.18 14.53
CA ILE A 150 3.13 17.03 15.25
C ILE A 150 3.75 15.78 14.61
N PRO A 151 4.36 14.87 15.42
CA PRO A 151 4.93 13.62 14.91
C PRO A 151 3.90 12.84 14.11
N THR A 152 4.36 12.22 13.03
CA THR A 152 3.45 11.54 12.11
C THR A 152 3.82 10.08 11.85
N ILE A 153 2.79 9.27 11.58
CA ILE A 153 2.97 7.90 11.13
C ILE A 153 2.06 7.71 9.93
N LEU A 154 2.60 7.20 8.82
CA LEU A 154 1.76 6.78 7.71
C LEU A 154 1.56 5.27 7.84
N ASP A 155 0.32 4.87 8.11
CA ASP A 155 -0.01 3.46 8.29
C ASP A 155 -0.35 2.87 6.95
N MET A 156 0.56 2.05 6.40
CA MET A 156 0.33 1.50 5.06
C MET A 156 0.74 0.02 5.00
N LYS A 157 1.40 -0.45 6.06
CA LYS A 157 1.75 -1.87 6.18
C LYS A 157 2.42 -2.35 4.88
N ILE A 158 3.40 -1.58 4.43
CA ILE A 158 3.95 -1.79 3.10
C ILE A 158 4.84 -3.03 3.04
N ASN A 159 4.93 -3.59 1.83
CA ASN A 159 5.82 -4.74 1.58
C ASN A 159 6.01 -5.01 0.09
N ASP A 160 7.28 -5.11 -0.29
CA ASP A 160 7.64 -5.56 -1.63
C ASP A 160 9.13 -5.87 -1.71
N ILE A 161 9.62 -6.20 -2.90
CA ILE A 161 11.07 -6.29 -3.09
C ILE A 161 11.74 -4.90 -2.97
N GLY A 162 13.03 -4.90 -2.66
CA GLY A 162 13.76 -3.64 -2.45
C GLY A 162 13.59 -2.62 -3.57
N ASN A 163 13.71 -3.05 -4.83
CA ASN A 163 13.63 -2.09 -5.94
C ASN A 163 12.25 -1.39 -5.97
N THR A 164 11.21 -2.13 -5.58
CA THR A 164 9.84 -1.60 -5.57
C THR A 164 9.60 -0.72 -4.35
N VAL A 165 9.99 -1.19 -3.18
CA VAL A 165 9.69 -0.40 -1.97
C VAL A 165 10.38 0.95 -1.90
N LYS A 166 11.49 1.15 -2.60
CA LYS A 166 12.09 2.49 -2.59
C LYS A 166 11.12 3.58 -3.09
N ASN A 167 10.18 3.18 -3.94
CA ASN A 167 9.09 4.10 -4.33
C ASN A 167 8.19 4.52 -3.17
N TYR A 168 7.90 3.58 -2.28
CA TYR A 168 7.16 3.93 -1.06
C TYR A 168 7.99 4.80 -0.14
N ARG A 169 9.28 4.52 -0.01
CA ARG A 169 10.16 5.37 0.78
C ARG A 169 10.08 6.81 0.28
N LYS A 170 10.21 7.00 -1.03
CA LYS A 170 10.11 8.33 -1.63
C LYS A 170 8.75 8.97 -1.35
N PHE A 171 7.68 8.23 -1.59
CA PHE A 171 6.35 8.80 -1.31
C PHE A 171 6.19 9.16 0.16
N ILE A 172 6.55 8.25 1.07
CA ILE A 172 6.29 8.46 2.50
C ILE A 172 7.21 9.51 3.13
N PHE A 173 8.50 9.35 2.89
CA PHE A 173 9.50 10.20 3.56
C PHE A 173 9.96 11.48 2.86
N GLU A 174 9.84 11.52 1.53
N GLU A 174 9.79 11.54 1.54
CA GLU A 174 10.20 12.71 0.78
CA GLU A 174 10.20 12.69 0.74
C GLU A 174 8.92 13.47 0.46
C GLU A 174 9.00 13.51 0.28
N TYR A 175 7.98 12.84 -0.25
CA TYR A 175 6.77 13.57 -0.67
C TYR A 175 5.88 14.02 0.50
N LEU A 176 5.51 13.08 1.37
CA LEU A 176 4.68 13.39 2.54
C LEU A 176 5.53 13.97 3.70
N LYS A 177 6.84 13.74 3.68
CA LYS A 177 7.72 14.16 4.79
C LYS A 177 7.24 13.54 6.12
N SER A 178 6.70 12.31 6.04
CA SER A 178 6.31 11.55 7.23
C SER A 178 7.52 11.23 8.11
N ASP A 179 7.28 11.10 9.43
CA ASP A 179 8.35 10.74 10.36
C ASP A 179 8.54 9.24 10.36
N SER A 180 7.48 8.51 10.04
CA SER A 180 7.55 7.07 10.14
C SER A 180 6.46 6.39 9.32
N CYS A 181 6.57 5.06 9.25
CA CYS A 181 5.52 4.27 8.57
C CYS A 181 5.44 2.88 9.17
N THR A 182 4.40 2.12 8.80
CA THR A 182 4.30 0.72 9.22
C THR A 182 4.68 -0.18 8.05
N VAL A 183 5.24 -1.35 8.38
CA VAL A 183 5.84 -2.24 7.38
C VAL A 183 5.52 -3.69 7.74
N ASN A 184 5.21 -4.50 6.76
CA ASN A 184 5.03 -5.93 6.98
C ASN A 184 6.29 -6.63 6.43
N ILE A 185 7.11 -7.19 7.32
CA ILE A 185 8.34 -7.83 6.88
C ILE A 185 8.28 -9.34 6.60
N TYR A 186 7.08 -9.88 6.42
CA TYR A 186 6.96 -11.31 6.10
C TYR A 186 7.80 -11.73 4.87
N MET A 187 7.85 -10.88 3.85
CA MET A 187 8.74 -11.16 2.72
C MET A 187 10.21 -11.30 3.13
N GLY A 188 10.64 -10.51 4.11
CA GLY A 188 12.05 -10.50 4.53
C GLY A 188 12.39 -9.18 5.22
N THR A 189 13.48 -9.15 5.98
CA THR A 189 13.94 -7.88 6.53
C THR A 189 14.80 -7.06 5.58
N ASN A 190 15.32 -7.67 4.52
N ASN A 190 15.31 -7.66 4.51
CA ASN A 190 16.19 -6.92 3.61
CA ASN A 190 16.14 -6.95 3.54
C ASN A 190 15.44 -5.75 2.95
C ASN A 190 15.43 -5.69 3.06
N MET A 191 14.12 -5.80 2.86
CA MET A 191 13.35 -4.66 2.35
C MET A 191 13.60 -3.40 3.18
N LEU A 192 13.89 -3.56 4.47
CA LEU A 192 14.09 -2.42 5.37
C LEU A 192 15.26 -1.53 4.97
N LYS A 193 16.23 -2.10 4.25
CA LYS A 193 17.38 -1.34 3.76
C LYS A 193 16.96 -0.29 2.73
N ASP A 194 15.80 -0.51 2.09
CA ASP A 194 15.23 0.37 1.08
C ASP A 194 14.03 1.20 1.58
N ILE A 195 13.75 1.08 2.87
CA ILE A 195 12.67 1.85 3.52
C ILE A 195 13.24 2.76 4.63
N CYS A 196 14.03 2.17 5.52
CA CYS A 196 14.60 2.90 6.64
C CYS A 196 15.92 3.59 6.30
N TYR A 197 16.36 3.43 5.07
CA TYR A 197 17.65 4.02 4.67
C TYR A 197 17.59 4.42 3.20
N ASP A 198 18.19 5.57 2.87
CA ASP A 198 18.31 5.98 1.47
C ASP A 198 19.80 6.14 1.21
N GLU A 199 20.36 5.20 0.46
CA GLU A 199 21.80 5.16 0.26
C GLU A 199 22.31 6.29 -0.61
N GLU A 200 21.47 6.79 -1.50
CA GLU A 200 21.83 7.89 -2.39
C GLU A 200 22.03 9.19 -1.60
N LYS A 201 21.12 9.47 -0.69
CA LYS A 201 21.09 10.70 0.09
C LYS A 201 21.71 10.54 1.48
N ASN A 202 22.00 9.30 1.88
CA ASN A 202 22.45 8.98 3.24
C ASN A 202 21.51 9.52 4.32
N LYS A 203 20.22 9.23 4.18
CA LYS A 203 19.19 9.60 5.15
C LYS A 203 18.59 8.34 5.76
N TYR A 204 18.22 8.45 7.04
CA TYR A 204 17.66 7.35 7.79
C TYR A 204 16.24 7.71 8.19
N TYR A 205 15.39 6.68 8.28
CA TYR A 205 13.97 6.86 8.59
C TYR A 205 13.50 5.80 9.57
N SER A 206 12.36 6.07 10.22
CA SER A 206 11.83 5.17 11.22
C SER A 206 10.63 4.35 10.73
N ALA A 207 10.47 3.15 11.26
CA ALA A 207 9.32 2.31 10.93
C ALA A 207 8.88 1.44 12.07
N PHE A 208 7.61 1.03 12.01
CA PHE A 208 7.05 0.05 12.96
C PHE A 208 6.72 -1.18 12.12
N VAL A 209 7.32 -2.31 12.45
CA VAL A 209 7.02 -3.55 11.73
C VAL A 209 5.91 -4.35 12.41
N LEU A 210 5.09 -5.06 11.62
CA LEU A 210 4.04 -5.85 12.22
C LEU A 210 4.60 -7.00 13.05
N VAL A 211 4.16 -7.08 14.30
CA VAL A 211 4.57 -8.16 15.21
C VAL A 211 3.34 -8.98 15.63
N LYS A 212 2.39 -8.34 16.29
CA LYS A 212 1.14 -9.04 16.64
C LYS A 212 0.01 -8.05 16.37
N THR A 213 -0.88 -8.44 15.46
CA THR A 213 -1.94 -7.55 14.98
C THR A 213 -3.29 -7.80 15.64
N THR A 214 -4.24 -6.88 15.46
CA THR A 214 -5.49 -6.93 16.23
C THR A 214 -6.61 -7.74 15.59
N ASN A 215 -6.44 -8.15 14.34
CA ASN A 215 -7.52 -8.90 13.70
C ASN A 215 -7.79 -10.20 14.44
N PRO A 216 -9.06 -10.61 14.44
CA PRO A 216 -9.43 -11.73 15.33
C PRO A 216 -8.68 -13.04 15.08
N ASP A 217 -8.24 -13.27 13.84
CA ASP A 217 -7.49 -14.48 13.47
C ASP A 217 -5.98 -14.29 13.39
N SER A 218 -5.44 -13.28 14.07
CA SER A 218 -4.03 -12.95 13.93
C SER A 218 -3.08 -14.07 14.39
N ALA A 219 -3.59 -14.99 15.20
CA ALA A 219 -2.74 -16.07 15.71
C ALA A 219 -2.39 -17.08 14.62
N ILE A 220 -3.17 -17.09 13.55
CA ILE A 220 -3.04 -18.14 12.54
C ILE A 220 -1.62 -18.29 11.96
N PHE A 221 -0.91 -17.18 11.79
CA PHE A 221 0.48 -17.26 11.37
C PHE A 221 1.43 -16.74 12.45
N GLN A 222 1.03 -15.66 13.12
CA GLN A 222 1.90 -14.95 14.07
C GLN A 222 2.25 -15.75 15.32
N LYS A 223 1.35 -16.68 15.68
N LYS A 223 1.33 -16.64 15.69
CA LYS A 223 1.56 -17.50 16.86
CA LYS A 223 1.51 -17.50 16.86
C LYS A 223 1.62 -19.00 16.58
C LYS A 223 1.79 -18.93 16.43
N ASN A 224 0.98 -19.45 15.51
CA ASN A 224 1.03 -20.86 15.11
C ASN A 224 2.38 -21.27 14.52
N LEU A 225 2.96 -20.40 13.68
CA LEU A 225 4.24 -20.71 13.05
C LEU A 225 5.33 -20.48 14.08
N SER A 226 6.35 -21.34 14.08
CA SER A 226 7.46 -21.18 15.02
C SER A 226 8.80 -21.67 14.45
N LEU A 227 9.87 -21.30 15.16
CA LEU A 227 11.21 -21.83 14.91
C LEU A 227 11.79 -22.19 16.28
N ASP A 228 12.08 -23.47 16.48
CA ASP A 228 12.68 -23.91 17.74
C ASP A 228 11.96 -23.34 18.96
N ASN A 229 10.66 -23.57 19.08
CA ASN A 229 9.92 -23.13 20.27
C ASN A 229 9.90 -21.62 20.52
N LYS A 230 10.18 -20.82 19.50
CA LYS A 230 9.86 -19.40 19.55
C LYS A 230 8.81 -19.16 18.47
N GLN A 231 7.73 -18.50 18.84
N GLN A 231 7.74 -18.47 18.86
CA GLN A 231 6.68 -18.20 17.88
CA GLN A 231 6.66 -18.11 17.94
C GLN A 231 7.12 -17.11 16.88
C GLN A 231 7.12 -17.10 16.89
N ALA A 232 6.47 -17.11 15.73
CA ALA A 232 6.82 -16.22 14.61
C ALA A 232 6.94 -14.75 15.04
N TYR A 233 6.03 -14.29 15.89
CA TYR A 233 6.07 -12.87 16.26
C TYR A 233 7.36 -12.48 17.01
N VAL A 234 7.90 -13.41 17.79
CA VAL A 234 9.14 -13.20 18.52
C VAL A 234 10.30 -13.22 17.52
N ILE A 235 10.33 -14.21 16.63
CA ILE A 235 11.40 -14.29 15.62
C ILE A 235 11.39 -13.02 14.77
N MET A 236 10.22 -12.59 14.33
CA MET A 236 10.07 -11.39 13.50
C MET A 236 10.55 -10.13 14.21
N ALA A 237 10.17 -9.96 15.47
CA ALA A 237 10.66 -8.85 16.30
C ALA A 237 12.18 -8.84 16.40
N GLN A 238 12.78 -10.00 16.69
CA GLN A 238 14.25 -10.13 16.79
C GLN A 238 14.95 -9.77 15.49
N GLU A 239 14.43 -10.27 14.38
CA GLU A 239 15.00 -10.01 13.07
C GLU A 239 14.94 -8.54 12.70
N ALA A 240 13.84 -7.88 13.09
CA ALA A 240 13.71 -6.46 12.82
C ALA A 240 14.76 -5.66 13.60
N LEU A 241 14.94 -6.00 14.89
CA LEU A 241 15.92 -5.31 15.70
C LEU A 241 17.36 -5.58 15.21
N ASN A 242 17.61 -6.81 14.76
CA ASN A 242 18.90 -7.14 14.14
C ASN A 242 19.17 -6.22 12.95
N MET A 243 18.15 -5.99 12.12
CA MET A 243 18.30 -5.11 10.97
C MET A 243 18.48 -3.67 11.42
N SER A 244 17.79 -3.25 12.48
CA SER A 244 17.98 -1.90 13.01
C SER A 244 19.44 -1.66 13.41
N SER A 245 20.01 -2.63 14.11
N SER A 245 20.01 -2.62 14.13
CA SER A 245 21.39 -2.55 14.56
CA SER A 245 21.41 -2.50 14.54
C SER A 245 22.38 -2.45 13.39
C SER A 245 22.30 -2.35 13.32
N TYR A 246 22.13 -3.26 12.36
CA TYR A 246 22.99 -3.29 11.19
C TYR A 246 22.99 -1.91 10.50
N LEU A 247 21.79 -1.34 10.34
CA LEU A 247 21.61 -0.04 9.70
C LEU A 247 22.02 1.18 10.53
N ASN A 248 22.38 0.98 11.80
N ASN A 248 22.46 0.96 11.77
CA ASN A 248 22.79 2.06 12.70
CA ASN A 248 22.75 2.02 12.74
C ASN A 248 21.68 3.07 13.03
C ASN A 248 21.66 3.09 12.82
N LEU A 249 20.42 2.65 12.95
CA LEU A 249 19.32 3.61 13.08
C LEU A 249 19.37 4.46 14.37
N GLU A 250 19.56 3.81 15.52
CA GLU A 250 19.36 4.53 16.77
C GLU A 250 20.50 5.54 16.98
N GLN A 251 21.67 5.25 16.41
CA GLN A 251 22.78 6.20 16.41
C GLN A 251 22.50 7.41 15.52
N ASN A 252 21.55 7.27 14.60
CA ASN A 252 21.10 8.41 13.79
C ASN A 252 19.73 8.94 14.22
N ASN A 253 19.35 8.58 15.44
CA ASN A 253 18.12 9.09 16.05
C ASN A 253 16.84 8.63 15.33
N GLU A 254 16.89 7.43 14.76
CA GLU A 254 15.70 6.80 14.18
C GLU A 254 15.58 5.42 14.84
N PHE A 255 14.53 4.67 14.50
CA PHE A 255 14.36 3.35 15.09
C PHE A 255 13.49 2.46 14.21
N ILE A 256 13.61 1.16 14.44
CA ILE A 256 12.59 0.21 14.01
C ILE A 256 11.91 -0.27 15.28
N GLY A 257 10.60 -0.10 15.30
CA GLY A 257 9.76 -0.53 16.41
C GLY A 257 8.76 -1.59 15.93
N PHE A 258 7.79 -1.83 16.81
CA PHE A 258 6.87 -2.96 16.65
C PHE A 258 5.40 -2.56 16.74
N VAL A 259 4.58 -3.12 15.86
CA VAL A 259 3.12 -3.00 16.06
C VAL A 259 2.66 -4.21 16.86
N VAL A 260 2.10 -3.94 18.03
CA VAL A 260 1.57 -4.98 18.92
C VAL A 260 0.16 -4.60 19.36
N GLY A 261 -0.85 -5.37 18.98
CA GLY A 261 -2.25 -5.00 19.17
C GLY A 261 -2.64 -4.81 20.63
N ALA A 262 -3.60 -3.90 20.87
CA ALA A 262 -4.07 -3.55 22.20
C ALA A 262 -5.04 -4.58 22.78
N ASN A 263 -5.20 -5.70 22.09
CA ASN A 263 -5.92 -6.86 22.60
C ASN A 263 -5.04 -8.11 22.72
N SER A 264 -3.71 -7.92 22.68
CA SER A 264 -2.77 -9.03 22.68
C SER A 264 -1.91 -8.94 23.93
N TYR A 265 -2.55 -9.12 25.08
CA TYR A 265 -1.95 -8.75 26.35
C TYR A 265 -0.70 -9.57 26.66
N ASP A 266 -0.75 -10.87 26.38
CA ASP A 266 0.38 -11.74 26.70
C ASP A 266 1.58 -11.44 25.81
N GLU A 267 1.30 -11.17 24.54
CA GLU A 267 2.35 -10.84 23.60
C GLU A 267 2.96 -9.47 23.92
N MET A 268 2.15 -8.51 24.35
CA MET A 268 2.65 -7.21 24.77
C MET A 268 3.61 -7.43 25.94
N ASN A 269 3.18 -8.22 26.91
CA ASN A 269 4.05 -8.53 28.04
C ASN A 269 5.38 -9.18 27.62
N TYR A 270 5.33 -10.16 26.73
CA TYR A 270 6.53 -10.84 26.25
C TYR A 270 7.46 -9.84 25.55
N ILE A 271 6.91 -9.05 24.63
CA ILE A 271 7.72 -8.08 23.88
C ILE A 271 8.42 -7.04 24.77
N ARG A 272 7.69 -6.46 25.71
CA ARG A 272 8.25 -5.48 26.63
C ARG A 272 9.26 -6.14 27.58
N THR A 273 9.00 -7.39 27.98
CA THR A 273 9.91 -8.15 28.84
C THR A 273 11.22 -8.48 28.11
N TYR A 274 11.11 -9.00 26.89
CA TYR A 274 12.27 -9.50 26.15
C TYR A 274 13.05 -8.45 25.36
N PHE A 275 12.41 -7.33 25.06
CA PHE A 275 13.05 -6.21 24.36
C PHE A 275 12.71 -4.96 25.17
N PRO A 276 13.37 -4.80 26.34
CA PRO A 276 12.94 -3.79 27.31
C PRO A 276 12.84 -2.35 26.78
N ASN A 277 13.63 -1.99 25.78
CA ASN A 277 13.69 -0.60 25.32
C ASN A 277 13.12 -0.37 23.93
N CYS A 278 12.33 -1.32 23.44
CA CYS A 278 11.76 -1.21 22.11
C CYS A 278 10.64 -0.17 22.06
N TYR A 279 10.38 0.32 20.86
CA TYR A 279 9.28 1.25 20.57
C TYR A 279 8.11 0.41 20.09
N ILE A 280 6.96 0.60 20.76
CA ILE A 280 5.73 -0.14 20.44
C ILE A 280 4.61 0.80 19.98
N LEU A 281 3.93 0.42 18.89
CA LEU A 281 2.74 1.14 18.43
C LEU A 281 1.56 0.18 18.63
N SER A 282 0.54 0.60 19.36
CA SER A 282 -0.54 -0.33 19.73
C SER A 282 -1.93 0.19 19.30
N PRO A 283 -2.45 -0.29 18.16
CA PRO A 283 -3.84 -0.01 17.73
C PRO A 283 -4.81 -0.97 18.43
N GLY A 284 -6.11 -0.70 18.43
CA GLY A 284 -7.07 -1.67 18.96
C GLY A 284 -7.96 -1.19 20.10
N ILE A 285 -7.66 0.00 20.61
CA ILE A 285 -8.45 0.61 21.68
C ILE A 285 -9.59 1.43 21.06
N GLY A 286 -10.78 1.27 21.61
CA GLY A 286 -11.94 2.02 21.14
C GLY A 286 -12.81 1.13 20.28
N ALA A 287 -12.80 1.37 18.96
CA ALA A 287 -13.66 0.62 18.04
C ALA A 287 -13.44 -0.88 18.12
N GLN A 288 -12.20 -1.30 18.33
CA GLN A 288 -11.88 -2.73 18.40
C GLN A 288 -11.90 -3.31 19.81
N ASN A 289 -12.22 -2.47 20.79
N ASN A 289 -12.27 -2.47 20.78
CA ASN A 289 -12.59 -2.96 22.12
CA ASN A 289 -12.58 -2.95 22.12
C ASN A 289 -11.47 -3.49 23.00
C ASN A 289 -11.44 -3.71 22.78
N GLY A 290 -10.23 -3.18 22.65
CA GLY A 290 -9.09 -3.64 23.46
C GLY A 290 -9.15 -3.07 24.86
N ASP A 291 -8.42 -3.66 25.79
CA ASP A 291 -8.45 -3.26 27.20
C ASP A 291 -7.27 -2.33 27.46
N LEU A 292 -7.56 -1.04 27.65
CA LEU A 292 -6.55 -0.01 27.78
C LEU A 292 -5.67 -0.18 29.01
N HIS A 293 -6.29 -0.46 30.14
CA HIS A 293 -5.52 -0.65 31.36
C HIS A 293 -4.49 -1.80 31.21
N LYS A 294 -4.92 -2.94 30.68
CA LYS A 294 -4.04 -4.08 30.47
C LYS A 294 -2.96 -3.83 29.42
N THR A 295 -3.35 -3.17 28.33
CA THR A 295 -2.41 -2.91 27.25
C THR A 295 -1.31 -1.97 27.72
N LEU A 296 -1.70 -0.84 28.30
CA LEU A 296 -0.73 0.16 28.71
C LEU A 296 0.14 -0.35 29.84
N THR A 297 -0.43 -1.15 30.75
CA THR A 297 0.34 -1.72 31.84
C THR A 297 1.39 -2.70 31.35
N ASN A 298 0.98 -3.63 30.48
CA ASN A 298 1.91 -4.62 29.94
C ASN A 298 2.97 -4.03 29.03
N GLY A 299 2.61 -2.97 28.31
CA GLY A 299 3.57 -2.34 27.39
C GLY A 299 4.30 -1.14 27.96
N TYR A 300 3.98 -0.75 29.19
CA TYR A 300 4.54 0.43 29.83
C TYR A 300 6.05 0.58 29.69
N HIS A 301 6.47 1.80 29.39
CA HIS A 301 7.87 2.21 29.51
C HIS A 301 7.83 3.61 30.09
N LYS A 302 8.82 3.92 30.92
CA LYS A 302 8.88 5.23 31.57
C LYS A 302 9.16 6.35 30.59
N SER A 303 9.74 6.02 29.44
CA SER A 303 9.70 6.91 28.28
C SER A 303 8.43 6.58 27.52
N TYR A 304 7.34 7.30 27.81
CA TYR A 304 5.99 6.97 27.33
C TYR A 304 5.87 6.86 25.83
N GLU A 305 6.73 7.57 25.10
CA GLU A 305 6.69 7.53 23.64
C GLU A 305 6.97 6.14 23.06
N LYS A 306 7.46 5.24 23.91
CA LYS A 306 7.78 3.86 23.52
C LYS A 306 6.57 2.93 23.60
N ILE A 307 5.43 3.48 24.00
CA ILE A 307 4.18 2.73 24.03
C ILE A 307 3.05 3.61 23.50
N LEU A 308 3.03 3.82 22.19
CA LEU A 308 1.99 4.67 21.60
C LEU A 308 0.64 3.93 21.60
N ILE A 309 -0.41 4.56 22.10
CA ILE A 309 -1.76 3.96 22.11
C ILE A 309 -2.56 4.66 21.03
N ASN A 310 -2.82 3.94 19.93
CA ASN A 310 -3.56 4.54 18.81
C ASN A 310 -5.05 4.43 19.03
N ILE A 311 -5.74 5.56 18.86
CA ILE A 311 -7.20 5.59 18.92
C ILE A 311 -7.68 6.40 17.69
N GLY A 312 -8.39 5.71 16.79
CA GLY A 312 -8.91 6.35 15.57
C GLY A 312 -10.39 6.63 15.67
N ARG A 313 -11.20 5.66 15.24
CA ARG A 313 -12.64 5.81 15.15
C ARG A 313 -13.31 6.31 16.42
N ALA A 314 -12.82 5.87 17.59
CA ALA A 314 -13.47 6.32 18.83
C ALA A 314 -13.32 7.83 19.08
N ILE A 315 -12.38 8.48 18.37
CA ILE A 315 -12.28 9.93 18.38
C ILE A 315 -12.95 10.53 17.14
N THR A 316 -12.59 10.05 15.96
CA THR A 316 -13.05 10.68 14.71
C THR A 316 -14.55 10.51 14.42
N LYS A 317 -15.17 9.47 14.97
CA LYS A 317 -16.63 9.29 14.77
C LYS A 317 -17.46 9.84 15.94
N ASN A 318 -16.79 10.38 16.94
CA ASN A 318 -17.51 11.10 17.97
C ASN A 318 -17.92 12.49 17.47
N PRO A 319 -19.16 12.90 17.71
CA PRO A 319 -19.65 14.25 17.41
C PRO A 319 -18.80 15.38 17.99
N TYR A 320 -18.08 15.12 19.08
CA TYR A 320 -17.25 16.12 19.78
C TYR A 320 -15.83 15.57 19.94
N PRO A 321 -15.07 15.54 18.84
CA PRO A 321 -13.78 14.87 18.85
C PRO A 321 -12.77 15.52 19.81
N GLN A 322 -12.89 16.83 20.07
CA GLN A 322 -11.97 17.46 21.03
C GLN A 322 -12.19 16.86 22.43
N LYS A 323 -13.45 16.72 22.81
CA LYS A 323 -13.76 16.14 24.12
C LYS A 323 -13.44 14.66 24.17
N ALA A 324 -13.74 13.92 23.10
CA ALA A 324 -13.35 12.51 23.07
C ALA A 324 -11.84 12.37 23.26
N ALA A 325 -11.07 13.20 22.54
CA ALA A 325 -9.61 13.12 22.63
C ALA A 325 -9.15 13.45 24.06
N GLN A 326 -9.70 14.52 24.63
CA GLN A 326 -9.32 14.90 26.00
C GLN A 326 -9.60 13.75 26.98
N MET A 327 -10.70 13.03 26.76
CA MET A 327 -11.14 11.95 27.65
C MET A 327 -10.16 10.77 27.58
N TYR A 328 -9.81 10.37 26.36
CA TYR A 328 -8.73 9.38 26.19
C TYR A 328 -7.36 9.83 26.71
N TYR A 329 -7.00 11.08 26.48
CA TYR A 329 -5.75 11.64 27.00
C TYR A 329 -5.72 11.49 28.52
N ASP A 330 -6.83 11.88 29.14
CA ASP A 330 -6.91 11.83 30.61
C ASP A 330 -6.92 10.39 31.10
N GLN A 331 -7.57 9.49 30.38
CA GLN A 331 -7.65 8.09 30.82
C GLN A 331 -6.26 7.46 30.76
N ILE A 332 -5.60 7.66 29.63
CA ILE A 332 -4.22 7.20 29.44
C ILE A 332 -3.30 7.77 30.54
N ASN A 333 -3.41 9.06 30.79
CA ASN A 333 -2.49 9.72 31.71
C ASN A 333 -2.70 9.21 33.13
N ALA A 334 -3.96 8.94 33.48
CA ALA A 334 -4.26 8.30 34.77
C ALA A 334 -3.59 6.92 34.92
N ILE A 335 -3.62 6.11 33.85
CA ILE A 335 -2.92 4.83 33.88
C ILE A 335 -1.38 5.03 33.90
N LEU A 336 -0.88 6.03 33.17
CA LEU A 336 0.54 6.36 33.24
C LEU A 336 0.95 6.73 34.65
N LYS A 337 0.13 7.55 35.32
CA LYS A 337 0.41 7.92 36.71
C LYS A 337 0.41 6.71 37.63
N GLN A 338 -0.50 5.75 37.42
CA GLN A 338 -0.56 4.56 38.26
C GLN A 338 0.77 3.81 38.16
N ASN A 339 1.29 3.75 36.93
CA ASN A 339 2.59 3.10 36.69
C ASN A 339 3.77 3.89 37.24
N MET A 340 3.78 5.21 37.08
CA MET A 340 4.80 6.05 37.74
C MET A 340 4.76 5.95 39.26
N GLU A 341 3.58 5.70 39.82
CA GLU A 341 3.43 5.62 41.27
C GLU A 341 3.19 4.18 41.71
N SER A 342 3.83 3.27 40.96
CA SER A 342 3.80 1.83 41.20
C SER A 342 4.40 1.42 42.55
N SER B 19 -18.61 -8.95 -15.27
CA SER B 19 -19.58 -10.04 -14.94
C SER B 19 -19.16 -11.44 -15.42
N MET B 20 -18.15 -11.51 -16.28
CA MET B 20 -17.52 -12.78 -16.66
C MET B 20 -17.03 -13.57 -15.44
N GLY B 21 -16.17 -12.95 -14.63
CA GLY B 21 -15.42 -13.63 -13.58
C GLY B 21 -14.01 -13.84 -14.09
N PHE B 22 -13.00 -13.59 -13.25
CA PHE B 22 -11.59 -13.63 -13.67
C PHE B 22 -11.21 -15.00 -14.21
N LYS B 23 -11.78 -16.05 -13.64
CA LYS B 23 -11.46 -17.42 -14.02
C LYS B 23 -11.80 -17.60 -15.50
N VAL B 24 -12.94 -17.04 -15.88
CA VAL B 24 -13.47 -17.14 -17.22
C VAL B 24 -12.73 -16.22 -18.17
N LYS B 25 -12.48 -14.97 -17.75
N LYS B 25 -12.46 -14.98 -17.76
CA LYS B 25 -11.66 -14.06 -18.51
CA LYS B 25 -11.66 -14.05 -18.57
C LYS B 25 -10.33 -14.68 -18.90
C LYS B 25 -10.27 -14.58 -18.89
N LEU B 26 -9.63 -15.22 -17.91
CA LEU B 26 -8.34 -15.87 -18.16
C LEU B 26 -8.46 -17.00 -19.18
N GLU B 27 -9.43 -17.89 -18.98
CA GLU B 27 -9.60 -19.03 -19.88
C GLU B 27 -9.88 -18.55 -21.31
N LYS B 28 -10.80 -17.59 -21.46
CA LYS B 28 -11.14 -17.14 -22.81
C LYS B 28 -9.98 -16.43 -23.47
N ARG B 29 -9.29 -15.56 -22.73
CA ARG B 29 -8.13 -14.93 -23.35
C ARG B 29 -7.04 -15.94 -23.72
N ARG B 30 -6.81 -16.94 -22.87
CA ARG B 30 -5.85 -18.00 -23.16
C ARG B 30 -6.20 -18.71 -24.47
N ASN B 31 -7.48 -18.95 -24.70
CA ASN B 31 -7.93 -19.56 -25.97
C ASN B 31 -7.68 -18.67 -27.18
N ALA B 32 -7.69 -17.36 -26.99
CA ALA B 32 -7.50 -16.45 -28.11
C ALA B 32 -6.01 -16.25 -28.41
N ILE B 33 -5.17 -16.13 -27.39
CA ILE B 33 -3.79 -15.75 -27.71
C ILE B 33 -2.73 -16.81 -27.40
N ASN B 34 -3.14 -17.87 -26.71
CA ASN B 34 -2.31 -19.06 -26.51
C ASN B 34 -0.97 -18.74 -25.84
N THR B 35 -1.03 -18.02 -24.72
CA THR B 35 0.15 -17.81 -23.89
C THR B 35 -0.21 -17.71 -22.41
N CYS B 36 0.80 -17.69 -21.55
CA CYS B 36 0.61 -17.31 -20.14
C CYS B 36 1.56 -16.17 -19.74
N LEU B 37 2.04 -15.41 -20.72
CA LEU B 37 2.83 -14.22 -20.42
C LEU B 37 1.97 -13.19 -19.72
N CYS B 38 2.47 -12.69 -18.59
CA CYS B 38 1.83 -11.58 -17.85
C CYS B 38 2.80 -10.41 -17.95
N ILE B 39 2.41 -9.33 -18.60
CA ILE B 39 3.35 -8.23 -18.80
C ILE B 39 3.23 -7.25 -17.62
N GLY B 40 4.35 -7.00 -16.93
CA GLY B 40 4.38 -6.08 -15.78
C GLY B 40 4.58 -4.65 -16.26
N LEU B 41 3.75 -3.74 -15.78
CA LEU B 41 3.90 -2.33 -16.16
C LEU B 41 4.25 -1.50 -14.93
N ASP B 42 5.56 -1.39 -14.66
CA ASP B 42 6.06 -0.74 -13.44
C ASP B 42 7.04 0.37 -13.85
N PRO B 43 6.54 1.48 -14.39
CA PRO B 43 7.42 2.52 -14.93
C PRO B 43 8.04 3.32 -13.81
N ASP B 44 9.37 3.45 -13.81
CA ASP B 44 10.01 4.27 -12.82
C ASP B 44 10.38 5.66 -13.34
N GLU B 45 10.87 6.54 -12.47
CA GLU B 45 11.14 7.92 -12.88
C GLU B 45 12.09 7.96 -14.07
N LYS B 46 13.10 7.09 -14.04
N LYS B 46 13.11 7.10 -14.05
CA LYS B 46 14.08 7.03 -15.13
CA LYS B 46 14.06 7.06 -15.16
C LYS B 46 13.44 6.57 -16.46
C LYS B 46 13.40 6.62 -16.47
N ASP B 47 12.49 5.65 -16.39
CA ASP B 47 11.77 5.20 -17.59
C ASP B 47 10.97 6.35 -18.21
N ILE B 48 10.29 7.13 -17.37
CA ILE B 48 9.48 8.24 -17.86
C ILE B 48 10.34 9.34 -18.47
N GLU B 49 11.42 9.67 -17.76
CA GLU B 49 12.33 10.72 -18.22
C GLU B 49 12.98 10.30 -19.54
N ASN B 50 13.43 9.05 -19.62
CA ASN B 50 14.00 8.52 -20.86
C ASN B 50 13.02 8.59 -22.04
N PHE B 51 11.76 8.23 -21.80
CA PHE B 51 10.73 8.29 -22.85
C PHE B 51 10.56 9.73 -23.34
N MET B 52 10.43 10.65 -22.38
CA MET B 52 10.33 12.08 -22.71
C MET B 52 11.52 12.58 -23.55
N LYS B 53 12.72 12.29 -23.07
CA LYS B 53 13.95 12.67 -23.77
C LYS B 53 13.92 12.11 -25.18
N ASN B 54 13.78 10.79 -25.31
CA ASN B 54 13.73 10.12 -26.62
C ASN B 54 12.67 10.64 -27.58
N GLU B 55 11.45 10.80 -27.07
CA GLU B 55 10.35 11.34 -27.87
C GLU B 55 10.70 12.72 -28.41
N LYS B 56 11.27 13.57 -27.56
CA LYS B 56 11.71 14.90 -27.99
C LYS B 56 12.68 14.79 -29.16
N GLU B 57 13.68 13.95 -29.01
CA GLU B 57 14.75 13.80 -30.02
C GLU B 57 14.30 13.11 -31.31
N ASN B 58 13.18 12.40 -31.27
N ASN B 58 13.16 12.44 -31.24
CA ASN B 58 12.73 11.68 -32.45
CA ASN B 58 12.67 11.62 -32.35
C ASN B 58 11.39 12.17 -32.99
C ASN B 58 11.32 12.13 -32.88
N ASN B 59 11.10 13.45 -32.75
CA ASN B 59 9.85 14.11 -33.18
C ASN B 59 8.56 13.45 -32.70
N TYR B 60 8.57 12.96 -31.45
CA TYR B 60 7.37 12.38 -30.84
C TYR B 60 6.72 11.23 -31.62
N ASN B 61 7.56 10.39 -32.21
CA ASN B 61 7.07 9.30 -33.05
C ASN B 61 6.07 8.37 -32.37
N ASN B 62 6.39 7.95 -31.15
CA ASN B 62 5.54 7.02 -30.43
C ASN B 62 4.28 7.67 -29.88
N ILE B 63 4.39 8.91 -29.41
CA ILE B 63 3.21 9.65 -28.96
C ILE B 63 2.23 9.82 -30.13
N LYS B 64 2.78 10.17 -31.29
CA LYS B 64 1.95 10.31 -32.49
C LYS B 64 1.25 9.00 -32.85
N LYS B 65 1.93 7.88 -32.67
CA LYS B 65 1.32 6.55 -32.86
C LYS B 65 0.23 6.32 -31.82
N ASN B 66 0.52 6.65 -30.56
CA ASN B 66 -0.50 6.55 -29.52
C ASN B 66 -1.78 7.28 -29.88
N LEU B 67 -1.64 8.47 -30.46
CA LEU B 67 -2.81 9.31 -30.72
C LEU B 67 -3.70 8.77 -31.83
N LYS B 68 -3.17 7.83 -32.60
CA LYS B 68 -3.96 7.19 -33.65
C LYS B 68 -4.79 6.01 -33.16
N GLU B 69 -4.56 5.55 -31.94
CA GLU B 69 -5.29 4.38 -31.45
C GLU B 69 -6.66 4.77 -30.93
N LYS B 70 -7.67 3.96 -31.24
CA LYS B 70 -9.05 4.31 -30.94
C LYS B 70 -9.28 4.40 -29.42
N TYR B 71 -8.67 3.46 -28.70
CA TYR B 71 -8.90 3.25 -27.27
C TYR B 71 -8.60 4.48 -26.40
N ILE B 72 -7.70 5.34 -26.87
CA ILE B 72 -7.30 6.53 -26.13
C ILE B 72 -8.50 7.44 -25.93
N ASN B 73 -9.51 7.32 -26.80
CA ASN B 73 -10.69 8.17 -26.74
C ASN B 73 -11.61 7.82 -25.56
N ASN B 74 -11.28 6.74 -24.86
CA ASN B 74 -12.12 6.26 -23.77
C ASN B 74 -11.49 6.30 -22.36
N VAL B 75 -10.33 6.94 -22.23
CA VAL B 75 -9.76 7.11 -20.88
C VAL B 75 -10.56 8.21 -20.16
N SER B 76 -10.66 8.07 -18.85
N SER B 76 -10.65 8.13 -18.85
CA SER B 76 -11.53 8.87 -17.97
CA SER B 76 -11.58 8.95 -18.07
C SER B 76 -10.96 10.25 -17.63
C SER B 76 -10.99 10.20 -17.44
N ILE B 77 -9.67 10.29 -17.35
CA ILE B 77 -9.08 11.44 -16.65
C ILE B 77 -8.26 12.28 -17.60
N LYS B 78 -8.66 13.54 -17.75
CA LYS B 78 -7.86 14.51 -18.52
C LYS B 78 -7.57 14.06 -19.97
N LYS B 79 -8.58 13.45 -20.56
CA LYS B 79 -8.46 12.97 -21.94
C LYS B 79 -8.06 14.09 -22.90
N ASP B 80 -8.62 15.27 -22.72
CA ASP B 80 -8.35 16.35 -23.67
C ASP B 80 -6.89 16.78 -23.62
N ILE B 81 -6.28 16.68 -22.44
CA ILE B 81 -4.84 16.89 -22.30
C ILE B 81 -4.09 15.80 -23.08
N LEU B 82 -4.45 14.54 -22.86
CA LEU B 82 -3.76 13.42 -23.49
C LEU B 82 -3.87 13.48 -25.01
N LEU B 83 -4.96 14.04 -25.50
CA LEU B 83 -5.19 14.16 -26.94
C LEU B 83 -4.46 15.31 -27.62
N LYS B 84 -3.94 16.27 -26.86
CA LYS B 84 -3.18 17.38 -27.45
C LYS B 84 -1.87 16.93 -28.08
N ALA B 85 -1.39 17.71 -29.05
CA ALA B 85 -0.09 17.44 -29.64
C ALA B 85 1.01 17.78 -28.62
N PRO B 86 2.10 17.00 -28.58
CA PRO B 86 3.17 17.25 -27.61
C PRO B 86 3.77 18.66 -27.71
N ASP B 87 3.87 19.19 -28.92
N ASP B 87 3.87 19.21 -28.92
CA ASP B 87 4.42 20.54 -29.07
CA ASP B 87 4.45 20.55 -29.06
C ASP B 87 3.58 21.55 -28.30
C ASP B 87 3.53 21.65 -28.50
N ASN B 88 2.28 21.29 -28.23
CA ASN B 88 1.35 22.19 -27.54
C ASN B 88 1.36 21.97 -26.03
N ILE B 89 1.39 20.70 -25.60
CA ILE B 89 1.52 20.40 -24.18
C ILE B 89 2.70 21.13 -23.55
N ILE B 90 3.86 21.07 -24.19
CA ILE B 90 5.07 21.61 -23.58
C ILE B 90 5.05 23.14 -23.49
N ARG B 91 4.23 23.80 -24.30
CA ARG B 91 4.11 25.26 -24.30
C ARG B 91 2.94 25.80 -23.48
N GLU B 92 1.78 25.16 -23.61
CA GLU B 92 0.52 25.70 -23.09
C GLU B 92 -0.14 24.86 -22.01
N GLU B 93 0.44 23.70 -21.71
CA GLU B 93 -0.05 22.92 -20.57
C GLU B 93 1.15 22.33 -19.81
N LYS B 94 2.13 23.17 -19.50
N LYS B 94 2.13 23.17 -19.50
CA LYS B 94 3.38 22.67 -18.94
CA LYS B 94 3.38 22.66 -18.96
C LYS B 94 3.21 21.96 -17.61
C LYS B 94 3.23 21.98 -17.61
N SER B 95 2.26 22.42 -16.81
CA SER B 95 2.00 21.76 -15.53
C SER B 95 1.55 20.31 -15.71
N GLU B 96 1.02 19.98 -16.89
CA GLU B 96 0.54 18.63 -17.24
C GLU B 96 1.57 17.81 -18.00
N GLU B 97 2.77 18.36 -18.16
CA GLU B 97 3.82 17.68 -18.93
C GLU B 97 4.17 16.29 -18.38
N PHE B 98 4.39 16.22 -17.07
CA PHE B 98 4.76 14.93 -16.47
C PHE B 98 3.63 13.93 -16.61
N PHE B 99 2.41 14.34 -16.26
CA PHE B 99 1.21 13.54 -16.47
C PHE B 99 1.15 12.97 -17.89
N TYR B 100 1.30 13.85 -18.87
CA TYR B 100 1.17 13.49 -20.27
C TYR B 100 2.21 12.46 -20.67
N PHE B 101 3.47 12.71 -20.34
CA PHE B 101 4.51 11.77 -20.77
C PHE B 101 4.44 10.45 -20.02
N PHE B 102 4.09 10.49 -18.74
CA PHE B 102 3.93 9.26 -17.94
C PHE B 102 2.80 8.43 -18.55
N ASN B 103 1.65 9.07 -18.75
CA ASN B 103 0.53 8.33 -19.31
C ASN B 103 0.85 7.78 -20.71
N HIS B 104 1.53 8.58 -21.55
CA HIS B 104 1.88 8.16 -22.90
C HIS B 104 2.95 7.06 -22.94
N PHE B 105 3.85 7.05 -21.97
CA PHE B 105 4.77 5.91 -21.85
C PHE B 105 3.97 4.63 -21.65
N CYS B 106 3.04 4.64 -20.69
CA CYS B 106 2.20 3.48 -20.42
C CYS B 106 1.42 3.07 -21.66
N PHE B 107 0.81 4.04 -22.34
CA PHE B 107 0.04 3.68 -23.53
C PHE B 107 0.97 3.07 -24.58
N TYR B 108 2.18 3.60 -24.70
CA TYR B 108 3.14 3.11 -25.69
C TYR B 108 3.52 1.66 -25.39
N ILE B 109 3.83 1.36 -24.14
CA ILE B 109 4.17 -0.02 -23.78
C ILE B 109 2.99 -0.94 -24.08
N ILE B 110 1.79 -0.58 -23.65
CA ILE B 110 0.61 -1.39 -23.90
C ILE B 110 0.36 -1.58 -25.40
N ASN B 111 0.49 -0.52 -26.18
CA ASN B 111 0.24 -0.62 -27.62
C ASN B 111 1.24 -1.57 -28.30
N GLU B 112 2.50 -1.46 -27.89
CA GLU B 112 3.57 -2.23 -28.49
C GLU B 112 3.52 -3.70 -28.08
N THR B 113 2.99 -4.03 -26.90
CA THR B 113 3.11 -5.40 -26.37
C THR B 113 1.82 -6.20 -26.13
N ASN B 114 0.66 -5.54 -26.18
CA ASN B 114 -0.58 -6.18 -25.70
C ASN B 114 -0.99 -7.48 -26.42
N LYS B 115 -0.68 -7.54 -27.71
CA LYS B 115 -1.02 -8.73 -28.50
C LYS B 115 -0.33 -10.00 -28.00
N TYR B 116 0.69 -9.85 -27.15
CA TYR B 116 1.42 -11.00 -26.57
C TYR B 116 1.09 -11.30 -25.12
N ALA B 117 0.17 -10.54 -24.54
CA ALA B 117 -0.09 -10.58 -23.09
C ALA B 117 -1.39 -11.32 -22.76
N LEU B 118 -1.30 -12.34 -21.92
CA LEU B 118 -2.52 -12.91 -21.34
C LEU B 118 -3.12 -11.91 -20.35
N THR B 119 -2.25 -11.28 -19.58
CA THR B 119 -2.69 -10.31 -18.57
C THR B 119 -1.65 -9.20 -18.45
N PHE B 120 -2.05 -8.04 -17.89
CA PHE B 120 -1.09 -7.02 -17.49
C PHE B 120 -1.19 -6.86 -15.98
N LYS B 121 -0.05 -6.71 -15.34
CA LYS B 121 0.02 -6.49 -13.89
C LYS B 121 0.69 -5.13 -13.65
N MET B 122 0.00 -4.25 -12.93
CA MET B 122 0.55 -2.92 -12.60
C MET B 122 0.88 -2.88 -11.11
N ASN B 123 2.13 -2.57 -10.75
CA ASN B 123 2.47 -2.47 -9.33
C ASN B 123 2.20 -1.07 -8.83
N PHE B 124 1.30 -0.98 -7.85
CA PHE B 124 0.84 0.32 -7.32
C PHE B 124 2.00 1.24 -6.89
N ALA B 125 3.06 0.68 -6.32
CA ALA B 125 4.17 1.49 -5.80
C ALA B 125 4.74 2.45 -6.84
N PHE B 126 4.67 2.09 -8.12
CA PHE B 126 5.24 2.95 -9.16
C PHE B 126 4.37 4.16 -9.50
N TYR B 127 3.11 4.11 -9.05
CA TYR B 127 2.12 5.08 -9.47
C TYR B 127 1.87 6.11 -8.37
N ILE B 128 2.41 5.87 -7.18
CA ILE B 128 2.19 6.75 -6.02
C ILE B 128 3.30 7.79 -5.69
N PRO B 129 4.57 7.61 -6.13
CA PRO B 129 5.58 8.46 -5.46
C PRO B 129 5.61 9.96 -5.82
N TYR B 130 4.83 10.35 -6.83
CA TYR B 130 4.67 11.77 -7.20
C TYR B 130 3.40 12.39 -6.64
N GLY B 131 2.65 11.66 -5.80
CA GLY B 131 1.35 12.16 -5.32
C GLY B 131 0.20 11.74 -6.20
N SER B 132 -0.82 12.58 -6.31
CA SER B 132 -2.05 12.21 -7.03
C SER B 132 -1.82 11.95 -8.51
N VAL B 133 -0.87 12.66 -9.13
CA VAL B 133 -0.71 12.60 -10.58
C VAL B 133 -0.57 11.16 -11.12
N GLY B 134 0.22 10.32 -10.44
CA GLY B 134 0.39 8.93 -10.87
C GLY B 134 -0.84 8.06 -10.72
N ILE B 135 -1.71 8.42 -9.77
CA ILE B 135 -2.97 7.70 -9.60
C ILE B 135 -3.96 8.00 -10.75
N ASP B 136 -3.97 9.22 -11.26
CA ASP B 136 -4.70 9.50 -12.48
C ASP B 136 -4.14 8.66 -13.63
N VAL B 137 -2.82 8.63 -13.79
CA VAL B 137 -2.25 7.72 -14.80
C VAL B 137 -2.71 6.27 -14.62
N LEU B 138 -2.65 5.79 -13.38
CA LEU B 138 -3.02 4.40 -13.10
C LEU B 138 -4.48 4.14 -13.48
N LYS B 139 -5.36 5.10 -13.18
CA LYS B 139 -6.78 4.94 -13.52
C LYS B 139 -6.94 4.84 -15.04
N ASN B 140 -6.26 5.72 -15.78
CA ASN B 140 -6.34 5.72 -17.24
C ASN B 140 -5.79 4.44 -17.85
N VAL B 141 -4.77 3.87 -17.20
CA VAL B 141 -4.16 2.63 -17.63
C VAL B 141 -5.17 1.48 -17.49
N PHE B 142 -5.83 1.41 -16.34
CA PHE B 142 -6.89 0.39 -16.17
C PHE B 142 -8.06 0.61 -17.13
N ASP B 143 -8.45 1.87 -17.35
CA ASP B 143 -9.48 2.18 -18.35
C ASP B 143 -9.07 1.67 -19.73
N TYR B 144 -7.82 1.93 -20.11
CA TYR B 144 -7.29 1.58 -21.43
C TYR B 144 -7.29 0.06 -21.63
N LEU B 145 -6.83 -0.66 -20.61
CA LEU B 145 -6.80 -2.12 -20.63
C LEU B 145 -8.21 -2.70 -20.63
N TYR B 146 -9.10 -2.08 -19.88
CA TYR B 146 -10.49 -2.52 -19.86
C TYR B 146 -11.07 -2.41 -21.27
N GLU B 147 -10.81 -1.30 -21.97
CA GLU B 147 -11.28 -1.12 -23.34
C GLU B 147 -10.68 -2.13 -24.30
N LEU B 148 -9.43 -2.52 -24.07
CA LEU B 148 -8.76 -3.55 -24.87
C LEU B 148 -9.13 -4.97 -24.47
N ASN B 149 -10.11 -5.09 -23.58
N ASN B 149 -10.02 -5.13 -23.49
CA ASN B 149 -10.45 -6.29 -22.82
CA ASN B 149 -10.45 -6.45 -23.03
C ASN B 149 -9.28 -7.23 -22.53
C ASN B 149 -9.34 -7.29 -22.39
N ILE B 150 -8.31 -6.67 -21.83
CA ILE B 150 -7.18 -7.41 -21.32
C ILE B 150 -7.35 -7.57 -19.83
N PRO B 151 -7.28 -8.81 -19.33
CA PRO B 151 -7.41 -9.11 -17.90
C PRO B 151 -6.31 -8.41 -17.12
N THR B 152 -6.63 -7.98 -15.90
CA THR B 152 -5.70 -7.12 -15.15
C THR B 152 -5.43 -7.62 -13.74
N ILE B 153 -4.26 -7.28 -13.25
CA ILE B 153 -3.87 -7.55 -11.85
C ILE B 153 -3.32 -6.23 -11.28
N LEU B 154 -3.79 -5.82 -10.11
CA LEU B 154 -3.13 -4.72 -9.39
C LEU B 154 -2.23 -5.37 -8.34
N ASP B 155 -0.92 -5.16 -8.46
CA ASP B 155 0.03 -5.71 -7.51
C ASP B 155 0.26 -4.67 -6.42
N MET B 156 -0.27 -4.93 -5.24
CA MET B 156 -0.11 -3.96 -4.16
C MET B 156 0.16 -4.69 -2.86
N LYS B 157 0.02 -6.02 -2.85
CA LYS B 157 0.44 -6.82 -1.69
C LYS B 157 -0.23 -6.31 -0.40
N ILE B 158 -1.52 -6.02 -0.54
CA ILE B 158 -2.30 -5.36 0.54
C ILE B 158 -2.46 -6.22 1.77
N ASN B 159 -2.51 -5.54 2.92
CA ASN B 159 -2.83 -6.21 4.16
C ASN B 159 -3.30 -5.20 5.20
N ASP B 160 -4.44 -5.49 5.83
CA ASP B 160 -4.84 -4.74 7.04
C ASP B 160 -6.00 -5.47 7.71
N ILE B 161 -6.61 -4.85 8.72
CA ILE B 161 -7.83 -5.39 9.28
C ILE B 161 -9.01 -5.25 8.30
N GLY B 162 -10.09 -5.98 8.57
CA GLY B 162 -11.23 -6.01 7.67
C GLY B 162 -11.81 -4.66 7.33
N ASN B 163 -12.10 -3.84 8.35
CA ASN B 163 -12.74 -2.55 8.09
C ASN B 163 -11.91 -1.66 7.16
N THR B 164 -10.59 -1.76 7.31
CA THR B 164 -9.64 -0.99 6.52
C THR B 164 -9.51 -1.50 5.10
N VAL B 165 -9.38 -2.81 4.92
CA VAL B 165 -9.16 -3.34 3.59
C VAL B 165 -10.36 -3.19 2.66
N LYS B 166 -11.55 -2.98 3.24
CA LYS B 166 -12.73 -2.66 2.39
C LYS B 166 -12.44 -1.49 1.47
N ASN B 167 -11.58 -0.59 1.94
CA ASN B 167 -11.22 0.58 1.13
C ASN B 167 -10.39 0.17 -0.07
N TYR B 168 -9.52 -0.81 0.12
CA TYR B 168 -8.78 -1.39 -1.00
C TYR B 168 -9.67 -2.17 -1.96
N ARG B 169 -10.64 -2.92 -1.44
CA ARG B 169 -11.63 -3.56 -2.30
C ARG B 169 -12.30 -2.50 -3.20
N LYS B 170 -12.76 -1.39 -2.63
CA LYS B 170 -13.38 -0.33 -3.41
C LYS B 170 -12.42 0.26 -4.44
N PHE B 171 -11.21 0.59 -4.01
CA PHE B 171 -10.26 1.21 -4.92
C PHE B 171 -9.93 0.30 -6.11
N ILE B 172 -9.62 -0.95 -5.78
CA ILE B 172 -9.10 -1.91 -6.76
C ILE B 172 -10.21 -2.42 -7.68
N PHE B 173 -11.30 -2.84 -7.05
CA PHE B 173 -12.37 -3.53 -7.78
C PHE B 173 -13.53 -2.67 -8.26
N GLU B 174 -13.81 -1.56 -7.59
CA GLU B 174 -14.84 -0.61 -8.06
C GLU B 174 -14.30 0.59 -8.83
N TYR B 175 -13.24 1.22 -8.31
CA TYR B 175 -12.68 2.41 -8.94
C TYR B 175 -11.83 2.02 -10.17
N LEU B 176 -10.79 1.21 -9.97
CA LEU B 176 -9.96 0.80 -11.11
C LEU B 176 -10.65 -0.24 -12.01
N LYS B 177 -11.58 -0.97 -11.41
CA LYS B 177 -12.19 -2.13 -12.02
C LYS B 177 -11.16 -3.17 -12.45
N SER B 178 -10.19 -3.42 -11.56
CA SER B 178 -9.22 -4.49 -11.79
C SER B 178 -9.94 -5.83 -11.70
N ASP B 179 -9.40 -6.85 -12.37
CA ASP B 179 -9.89 -8.21 -12.24
C ASP B 179 -9.38 -8.89 -10.99
N SER B 180 -8.21 -8.47 -10.50
CA SER B 180 -7.57 -9.16 -9.39
C SER B 180 -6.53 -8.27 -8.70
N CYS B 181 -6.02 -8.79 -7.58
CA CYS B 181 -4.95 -8.07 -6.88
C CYS B 181 -4.04 -9.05 -6.16
N THR B 182 -2.92 -8.59 -5.62
CA THR B 182 -2.10 -9.43 -4.76
C THR B 182 -2.33 -9.01 -3.31
N VAL B 183 -2.16 -9.96 -2.40
CA VAL B 183 -2.51 -9.76 -0.99
C VAL B 183 -1.46 -10.44 -0.12
N ASN B 184 -1.12 -9.85 1.02
CA ASN B 184 -0.24 -10.51 1.98
C ASN B 184 -1.11 -10.92 3.17
N ILE B 185 -1.30 -12.23 3.38
CA ILE B 185 -2.19 -12.69 4.44
C ILE B 185 -1.49 -13.03 5.76
N TYR B 186 -0.26 -12.57 5.93
CA TYR B 186 0.43 -12.78 7.21
C TYR B 186 -0.34 -12.27 8.43
N MET B 187 -1.10 -11.18 8.27
CA MET B 187 -1.92 -10.68 9.38
C MET B 187 -3.03 -11.65 9.74
N GLY B 188 -3.48 -12.39 8.74
CA GLY B 188 -4.59 -13.32 8.88
C GLY B 188 -5.27 -13.54 7.54
N THR B 189 -6.02 -14.63 7.43
N THR B 189 -6.13 -14.55 7.54
CA THR B 189 -6.78 -14.92 6.21
CA THR B 189 -6.86 -14.95 6.35
C THR B 189 -8.13 -14.23 6.14
C THR B 189 -8.26 -14.32 6.35
N ASN B 190 -8.76 -13.99 7.29
N ASN B 190 -8.74 -13.88 7.51
CA ASN B 190 -10.11 -13.42 7.29
CA ASN B 190 -10.06 -13.26 7.62
C ASN B 190 -10.20 -12.12 6.50
C ASN B 190 -10.21 -12.05 6.69
N MET B 191 -9.11 -11.35 6.44
CA MET B 191 -9.09 -10.15 5.60
C MET B 191 -9.62 -10.39 4.19
N LEU B 192 -9.41 -11.60 3.68
CA LEU B 192 -9.90 -11.94 2.34
C LEU B 192 -11.41 -11.83 2.18
N LYS B 193 -12.15 -11.96 3.28
CA LYS B 193 -13.60 -11.85 3.23
C LYS B 193 -14.01 -10.43 2.84
N ASP B 194 -13.14 -9.46 3.12
CA ASP B 194 -13.41 -8.05 2.84
C ASP B 194 -12.61 -7.56 1.63
N ILE B 195 -11.96 -8.46 0.91
CA ILE B 195 -11.24 -8.12 -0.33
C ILE B 195 -11.85 -8.83 -1.56
N CYS B 196 -12.05 -10.14 -1.40
CA CYS B 196 -12.57 -10.99 -2.49
C CYS B 196 -14.08 -11.13 -2.49
N TYR B 197 -14.75 -10.46 -1.57
CA TYR B 197 -16.21 -10.61 -1.44
C TYR B 197 -16.88 -9.33 -0.95
N ASP B 198 -18.01 -9.00 -1.56
CA ASP B 198 -18.79 -7.85 -1.13
C ASP B 198 -20.19 -8.38 -0.85
N GLU B 199 -20.48 -8.67 0.42
CA GLU B 199 -21.78 -9.22 0.76
C GLU B 199 -22.94 -8.30 0.36
N GLU B 200 -22.87 -7.00 0.66
CA GLU B 200 -23.91 -6.05 0.25
C GLU B 200 -24.32 -6.23 -1.22
N LYS B 201 -23.33 -6.25 -2.11
CA LYS B 201 -23.59 -6.19 -3.56
C LYS B 201 -23.57 -7.57 -4.21
N ASN B 202 -23.31 -8.60 -3.40
CA ASN B 202 -23.10 -9.96 -3.91
C ASN B 202 -22.06 -10.02 -5.03
N LYS B 203 -20.89 -9.43 -4.79
CA LYS B 203 -19.80 -9.43 -5.76
C LYS B 203 -18.60 -10.21 -5.27
N TYR B 204 -17.90 -10.86 -6.19
CA TYR B 204 -16.75 -11.71 -5.86
C TYR B 204 -15.59 -11.25 -6.74
N TYR B 205 -14.39 -11.30 -6.16
CA TYR B 205 -13.18 -10.85 -6.86
C TYR B 205 -12.02 -11.80 -6.60
N SER B 206 -11.02 -11.78 -7.48
CA SER B 206 -9.93 -12.73 -7.37
C SER B 206 -8.69 -12.08 -6.77
N ALA B 207 -7.85 -12.89 -6.13
CA ALA B 207 -6.59 -12.41 -5.56
C ALA B 207 -5.51 -13.49 -5.60
N PHE B 208 -4.26 -13.05 -5.67
CA PHE B 208 -3.14 -13.96 -5.48
C PHE B 208 -2.48 -13.58 -4.16
N VAL B 209 -2.28 -14.56 -3.28
CA VAL B 209 -1.68 -14.31 -1.97
C VAL B 209 -0.20 -14.67 -2.01
N LEU B 210 0.63 -13.95 -1.25
CA LEU B 210 2.07 -14.23 -1.19
C LEU B 210 2.31 -15.63 -0.62
N VAL B 211 3.06 -16.46 -1.33
CA VAL B 211 3.39 -17.81 -0.83
C VAL B 211 4.91 -17.90 -0.71
N LYS B 212 5.60 -17.79 -1.84
CA LYS B 212 7.06 -17.79 -1.82
C LYS B 212 7.52 -16.64 -2.70
N THR B 213 8.23 -15.67 -2.11
CA THR B 213 8.63 -14.43 -2.82
C THR B 213 10.07 -14.47 -3.34
N THR B 214 10.39 -13.53 -4.24
CA THR B 214 11.64 -13.61 -5.00
C THR B 214 12.80 -12.92 -4.31
N ASN B 215 12.55 -12.17 -3.23
CA ASN B 215 13.65 -11.44 -2.60
C ASN B 215 14.70 -12.40 -2.04
N PRO B 216 15.96 -11.96 -2.01
CA PRO B 216 17.01 -12.95 -1.70
C PRO B 216 16.92 -13.56 -0.30
N ASP B 217 16.37 -12.82 0.66
CA ASP B 217 16.20 -13.34 2.03
C ASP B 217 14.82 -13.93 2.31
N SER B 218 14.11 -14.34 1.26
CA SER B 218 12.74 -14.84 1.43
C SER B 218 12.60 -16.08 2.31
N ALA B 219 13.67 -16.84 2.45
CA ALA B 219 13.62 -18.04 3.29
C ALA B 219 13.38 -17.72 4.77
N ILE B 220 13.78 -16.53 5.21
CA ILE B 220 13.82 -16.21 6.65
C ILE B 220 12.53 -16.50 7.42
N PHE B 221 11.39 -16.16 6.84
CA PHE B 221 10.12 -16.47 7.47
C PHE B 221 9.35 -17.54 6.68
N GLN B 222 9.43 -17.50 5.34
CA GLN B 222 8.63 -18.37 4.50
C GLN B 222 9.06 -19.83 4.52
N LYS B 223 10.34 -20.05 4.83
CA LYS B 223 10.88 -21.41 4.85
C LYS B 223 11.32 -21.83 6.24
N ASN B 224 11.95 -20.91 6.97
CA ASN B 224 12.56 -21.23 8.27
C ASN B 224 11.53 -21.35 9.41
N LEU B 225 10.36 -20.74 9.23
CA LEU B 225 9.25 -20.94 10.16
C LEU B 225 8.45 -22.15 9.73
N SER B 226 7.87 -22.87 10.69
CA SER B 226 7.08 -24.05 10.36
C SER B 226 5.92 -24.29 11.33
N LEU B 227 5.02 -25.16 10.93
CA LEU B 227 3.97 -25.70 11.78
C LEU B 227 3.97 -27.20 11.55
N ASP B 228 4.36 -27.94 12.59
CA ASP B 228 4.45 -29.41 12.56
C ASP B 228 5.16 -29.95 11.33
N ASN B 229 6.43 -29.58 11.16
CA ASN B 229 7.21 -29.98 9.98
C ASN B 229 6.62 -29.71 8.57
N LYS B 230 5.80 -28.66 8.45
CA LYS B 230 5.51 -28.11 7.13
C LYS B 230 5.97 -26.66 7.17
N GLN B 231 6.76 -26.26 6.17
CA GLN B 231 7.24 -24.88 6.11
C GLN B 231 6.08 -23.90 6.00
N ALA B 232 6.34 -22.69 6.46
CA ALA B 232 5.33 -21.65 6.52
C ALA B 232 4.62 -21.44 5.19
N TYR B 233 5.35 -21.51 4.08
CA TYR B 233 4.72 -21.20 2.80
C TYR B 233 3.60 -22.19 2.46
N VAL B 234 3.74 -23.43 2.91
CA VAL B 234 2.74 -24.47 2.65
C VAL B 234 1.50 -24.23 3.52
N ILE B 235 1.75 -23.97 4.80
CA ILE B 235 0.70 -23.52 5.73
C ILE B 235 -0.14 -22.36 5.15
N MET B 236 0.55 -21.36 4.63
CA MET B 236 -0.10 -20.14 4.14
C MET B 236 -0.90 -20.43 2.87
N ALA B 237 -0.32 -21.22 1.96
CA ALA B 237 -1.03 -21.61 0.74
C ALA B 237 -2.32 -22.38 1.07
N GLN B 238 -2.22 -23.33 2.00
CA GLN B 238 -3.37 -24.15 2.39
C GLN B 238 -4.45 -23.27 3.02
N GLU B 239 -4.06 -22.36 3.90
CA GLU B 239 -5.05 -21.46 4.52
C GLU B 239 -5.73 -20.57 3.49
N ALA B 240 -4.99 -20.09 2.49
CA ALA B 240 -5.60 -19.28 1.45
C ALA B 240 -6.66 -20.06 0.70
N LEU B 241 -6.37 -21.31 0.34
CA LEU B 241 -7.38 -22.16 -0.31
C LEU B 241 -8.56 -22.53 0.58
N ASN B 242 -8.30 -22.73 1.88
CA ASN B 242 -9.36 -22.90 2.88
C ASN B 242 -10.34 -21.71 2.86
N MET B 243 -9.79 -20.49 2.82
CA MET B 243 -10.62 -19.30 2.77
C MET B 243 -11.33 -19.17 1.42
N SER B 244 -10.70 -19.63 0.35
CA SER B 244 -11.35 -19.59 -0.94
C SER B 244 -12.61 -20.46 -0.92
N SER B 245 -12.47 -21.63 -0.27
CA SER B 245 -13.56 -22.59 -0.14
C SER B 245 -14.69 -21.97 0.66
N TYR B 246 -14.37 -21.50 1.86
CA TYR B 246 -15.33 -20.74 2.67
C TYR B 246 -16.11 -19.68 1.87
N LEU B 247 -15.42 -18.86 1.07
CA LEU B 247 -16.05 -17.79 0.27
C LEU B 247 -16.80 -18.24 -0.98
N ASN B 248 -16.65 -19.50 -1.33
CA ASN B 248 -17.20 -20.07 -2.57
C ASN B 248 -16.82 -19.26 -3.81
N LEU B 249 -15.56 -18.83 -3.87
CA LEU B 249 -15.08 -18.05 -5.00
C LEU B 249 -15.21 -18.78 -6.33
N GLU B 250 -14.74 -20.02 -6.37
CA GLU B 250 -14.56 -20.68 -7.66
C GLU B 250 -15.91 -20.98 -8.32
N GLN B 251 -16.92 -21.13 -7.49
CA GLN B 251 -18.29 -21.31 -7.96
C GLN B 251 -18.85 -20.01 -8.54
N ASN B 252 -18.24 -18.89 -8.13
CA ASN B 252 -18.57 -17.59 -8.71
C ASN B 252 -17.55 -17.11 -9.73
N ASN B 253 -16.82 -18.05 -10.31
CA ASN B 253 -15.91 -17.76 -11.41
C ASN B 253 -14.73 -16.89 -10.97
N GLU B 254 -14.29 -17.06 -9.73
CA GLU B 254 -13.17 -16.26 -9.21
C GLU B 254 -12.28 -17.21 -8.44
N PHE B 255 -11.11 -16.76 -8.01
CA PHE B 255 -10.24 -17.66 -7.28
C PHE B 255 -9.31 -16.90 -6.35
N ILE B 256 -8.78 -17.63 -5.37
CA ILE B 256 -7.60 -17.21 -4.63
C ILE B 256 -6.45 -18.11 -5.08
N GLY B 257 -5.37 -17.48 -5.52
CA GLY B 257 -4.21 -18.18 -6.04
C GLY B 257 -2.94 -17.79 -5.28
N PHE B 258 -1.78 -18.08 -5.86
CA PHE B 258 -0.53 -18.00 -5.11
C PHE B 258 0.52 -17.22 -5.87
N VAL B 259 1.23 -16.32 -5.18
CA VAL B 259 2.45 -15.76 -5.75
C VAL B 259 3.62 -16.70 -5.37
N VAL B 260 4.22 -17.32 -6.39
CA VAL B 260 5.36 -18.21 -6.20
C VAL B 260 6.50 -17.76 -7.12
N GLY B 261 7.62 -17.36 -6.54
CA GLY B 261 8.74 -16.78 -7.28
C GLY B 261 9.28 -17.70 -8.36
N ALA B 262 9.72 -17.09 -9.47
CA ALA B 262 10.27 -17.82 -10.62
C ALA B 262 11.74 -18.16 -10.42
N ASN B 263 12.20 -17.97 -9.18
CA ASN B 263 13.53 -18.43 -8.76
C ASN B 263 13.38 -19.45 -7.63
N SER B 264 12.17 -19.95 -7.42
CA SER B 264 11.87 -20.85 -6.29
C SER B 264 11.38 -22.20 -6.78
N TYR B 265 12.29 -22.94 -7.41
CA TYR B 265 11.91 -24.15 -8.14
C TYR B 265 11.36 -25.26 -7.27
N ASP B 266 12.00 -25.54 -6.13
CA ASP B 266 11.46 -26.56 -5.23
C ASP B 266 10.05 -26.24 -4.78
N GLU B 267 9.82 -24.98 -4.43
CA GLU B 267 8.53 -24.55 -3.90
C GLU B 267 7.48 -24.59 -5.00
N MET B 268 7.86 -24.14 -6.20
CA MET B 268 6.96 -24.17 -7.35
C MET B 268 6.58 -25.62 -7.64
N ASN B 269 7.58 -26.49 -7.61
CA ASN B 269 7.39 -27.94 -7.80
C ASN B 269 6.43 -28.50 -6.75
N TYR B 270 6.69 -28.21 -5.49
CA TYR B 270 5.83 -28.68 -4.40
C TYR B 270 4.40 -28.17 -4.50
N ILE B 271 4.26 -26.87 -4.79
CA ILE B 271 2.95 -26.24 -4.86
C ILE B 271 2.11 -26.81 -6.01
N ARG B 272 2.73 -26.96 -7.18
CA ARG B 272 2.00 -27.53 -8.30
C ARG B 272 1.67 -29.01 -8.07
N THR B 273 2.53 -29.73 -7.37
CA THR B 273 2.29 -31.13 -7.04
C THR B 273 1.16 -31.24 -6.04
N TYR B 274 1.30 -30.53 -4.92
CA TYR B 274 0.37 -30.63 -3.81
C TYR B 274 -0.99 -29.94 -4.02
N PHE B 275 -1.01 -28.85 -4.79
CA PHE B 275 -2.27 -28.18 -5.14
C PHE B 275 -2.43 -28.21 -6.65
N PRO B 276 -2.84 -29.37 -7.20
CA PRO B 276 -2.69 -29.62 -8.63
C PRO B 276 -3.38 -28.60 -9.52
N ASN B 277 -4.49 -28.04 -9.07
CA ASN B 277 -5.26 -27.14 -9.91
C ASN B 277 -5.23 -25.66 -9.51
N CYS B 278 -4.20 -25.28 -8.74
CA CYS B 278 -4.10 -23.90 -8.24
C CYS B 278 -3.62 -22.95 -9.32
N TYR B 279 -3.98 -21.67 -9.14
CA TYR B 279 -3.58 -20.55 -9.97
C TYR B 279 -2.34 -19.95 -9.32
N ILE B 280 -1.27 -19.86 -10.11
CA ILE B 280 -0.01 -19.29 -9.66
C ILE B 280 0.37 -18.07 -10.50
N LEU B 281 0.85 -17.01 -9.83
CA LEU B 281 1.47 -15.88 -10.47
C LEU B 281 2.93 -15.94 -10.11
N SER B 282 3.81 -15.92 -11.10
CA SER B 282 5.23 -16.07 -10.84
C SER B 282 6.08 -14.92 -11.40
N PRO B 283 6.46 -13.97 -10.54
CA PRO B 283 7.39 -12.90 -10.88
C PRO B 283 8.82 -13.40 -10.67
N GLY B 284 9.78 -12.72 -11.29
CA GLY B 284 11.19 -13.05 -11.04
C GLY B 284 12.09 -13.38 -12.21
N ILE B 285 11.50 -13.57 -13.40
N ILE B 285 11.53 -13.59 -13.40
CA ILE B 285 12.21 -13.72 -14.67
CA ILE B 285 12.34 -13.78 -14.61
C ILE B 285 12.69 -12.37 -15.20
C ILE B 285 12.67 -12.45 -15.28
N GLY B 286 13.92 -12.34 -15.72
CA GLY B 286 14.39 -11.13 -16.41
C GLY B 286 15.25 -10.33 -15.47
N ALA B 287 14.67 -9.30 -14.87
CA ALA B 287 15.44 -8.44 -13.96
C ALA B 287 16.00 -9.19 -12.76
N GLN B 288 15.24 -10.15 -12.23
CA GLN B 288 15.68 -10.92 -11.05
C GLN B 288 16.27 -12.29 -11.36
N ASN B 289 16.56 -12.55 -12.63
N ASN B 289 16.52 -12.53 -12.64
CA ASN B 289 17.38 -13.71 -12.99
CA ASN B 289 17.32 -13.68 -13.10
C ASN B 289 16.69 -15.08 -13.11
C ASN B 289 16.79 -15.09 -12.76
N GLY B 290 15.47 -15.20 -12.60
CA GLY B 290 14.75 -16.49 -12.59
C GLY B 290 14.88 -17.26 -13.90
N ASP B 291 14.63 -18.56 -13.86
CA ASP B 291 14.87 -19.39 -15.04
C ASP B 291 13.53 -19.71 -15.70
N LEU B 292 13.34 -19.24 -16.93
CA LEU B 292 12.05 -19.38 -17.60
C LEU B 292 11.68 -20.84 -17.85
N HIS B 293 12.61 -21.62 -18.42
CA HIS B 293 12.33 -23.03 -18.68
C HIS B 293 11.99 -23.82 -17.42
N LYS B 294 12.80 -23.69 -16.37
CA LYS B 294 12.55 -24.37 -15.11
C LYS B 294 11.26 -23.96 -14.42
N THR B 295 10.94 -22.66 -14.45
CA THR B 295 9.74 -22.16 -13.79
C THR B 295 8.51 -22.69 -14.50
N LEU B 296 8.47 -22.53 -15.82
CA LEU B 296 7.29 -22.96 -16.55
C LEU B 296 7.13 -24.47 -16.44
N THR B 297 8.23 -25.23 -16.44
CA THR B 297 8.15 -26.69 -16.32
C THR B 297 7.63 -27.17 -14.95
N ASN B 298 8.18 -26.62 -13.87
CA ASN B 298 7.81 -27.02 -12.52
C ASN B 298 6.40 -26.54 -12.16
N GLY B 299 5.98 -25.44 -12.78
CA GLY B 299 4.64 -24.89 -12.49
C GLY B 299 3.58 -25.22 -13.50
N TYR B 300 3.94 -26.03 -14.49
CA TYR B 300 3.12 -26.26 -15.68
C TYR B 300 1.75 -26.80 -15.33
N HIS B 301 0.76 -26.35 -16.09
CA HIS B 301 -0.56 -26.95 -16.07
C HIS B 301 -1.12 -26.82 -17.51
N LYS B 302 -1.93 -27.80 -17.92
CA LYS B 302 -2.52 -27.78 -19.26
C LYS B 302 -3.34 -26.52 -19.51
N SER B 303 -4.03 -26.07 -18.48
CA SER B 303 -4.73 -24.80 -18.50
C SER B 303 -3.68 -23.80 -18.05
N TYR B 304 -2.86 -23.35 -18.99
CA TYR B 304 -1.63 -22.65 -18.59
C TYR B 304 -1.86 -21.22 -18.07
N GLU B 305 -3.10 -20.73 -18.12
CA GLU B 305 -3.47 -19.53 -17.38
C GLU B 305 -3.27 -19.72 -15.87
N LYS B 306 -3.09 -20.98 -15.45
CA LYS B 306 -2.80 -21.29 -14.05
C LYS B 306 -1.33 -21.09 -13.69
N ILE B 307 -0.51 -20.70 -14.67
CA ILE B 307 0.90 -20.39 -14.37
C ILE B 307 1.29 -19.13 -15.12
N LEU B 308 0.92 -17.98 -14.55
CA LEU B 308 1.26 -16.70 -15.15
C LEU B 308 2.74 -16.41 -14.92
N ILE B 309 3.45 -16.20 -16.02
CA ILE B 309 4.84 -15.77 -15.99
C ILE B 309 4.93 -14.25 -16.13
N ASN B 310 5.23 -13.58 -15.03
CA ASN B 310 5.27 -12.12 -15.07
C ASN B 310 6.63 -11.64 -15.51
N ILE B 311 6.63 -10.76 -16.51
CA ILE B 311 7.85 -10.07 -16.90
C ILE B 311 7.59 -8.57 -16.94
N GLY B 312 8.28 -7.82 -16.07
CA GLY B 312 8.15 -6.36 -15.97
C GLY B 312 9.32 -5.64 -16.61
N ARG B 313 10.39 -5.45 -15.85
CA ARG B 313 11.52 -4.64 -16.31
C ARG B 313 12.18 -5.16 -17.59
N ALA B 314 12.22 -6.49 -17.76
CA ALA B 314 12.88 -7.06 -18.96
C ALA B 314 12.13 -6.72 -20.25
N ILE B 315 10.90 -6.23 -20.09
CA ILE B 315 10.13 -5.63 -21.18
C ILE B 315 10.17 -4.08 -21.13
N THR B 316 9.77 -3.47 -20.02
CA THR B 316 9.71 -2.01 -19.97
C THR B 316 11.06 -1.26 -20.03
N LYS B 317 12.14 -1.92 -19.62
CA LYS B 317 13.48 -1.32 -19.69
C LYS B 317 14.27 -1.84 -20.90
N ASN B 318 13.58 -2.59 -21.76
CA ASN B 318 14.16 -2.96 -23.04
C ASN B 318 13.90 -1.83 -24.04
N PRO B 319 14.94 -1.38 -24.76
CA PRO B 319 14.73 -0.29 -25.71
C PRO B 319 13.84 -0.69 -26.89
N TYR B 320 13.62 -1.98 -27.11
CA TYR B 320 12.78 -2.55 -28.17
C TYR B 320 11.67 -3.42 -27.52
N PRO B 321 10.70 -2.79 -26.84
CA PRO B 321 9.77 -3.57 -26.01
C PRO B 321 8.84 -4.53 -26.77
N GLN B 322 8.42 -4.18 -27.98
CA GLN B 322 7.57 -5.10 -28.77
C GLN B 322 8.36 -6.38 -29.03
N LYS B 323 9.62 -6.21 -29.43
CA LYS B 323 10.46 -7.38 -29.71
C LYS B 323 10.77 -8.20 -28.45
N ALA B 324 11.01 -7.53 -27.32
CA ALA B 324 11.21 -8.23 -26.05
C ALA B 324 9.99 -9.06 -25.67
N ALA B 325 8.80 -8.48 -25.78
CA ALA B 325 7.58 -9.21 -25.45
C ALA B 325 7.37 -10.37 -26.41
N GLN B 326 7.60 -10.11 -27.69
CA GLN B 326 7.51 -11.17 -28.69
C GLN B 326 8.40 -12.37 -28.36
N MET B 327 9.61 -12.15 -27.90
N MET B 327 9.64 -12.08 -27.98
CA MET B 327 10.52 -13.27 -27.67
CA MET B 327 10.63 -13.09 -27.61
C MET B 327 10.22 -14.05 -26.40
C MET B 327 10.07 -13.99 -26.51
N TYR B 328 9.64 -13.39 -25.40
CA TYR B 328 9.09 -14.12 -24.26
C TYR B 328 7.86 -14.94 -24.66
N TYR B 329 6.98 -14.34 -25.46
CA TYR B 329 5.80 -15.04 -25.98
C TYR B 329 6.26 -16.28 -26.75
N ASP B 330 7.23 -16.12 -27.65
CA ASP B 330 7.69 -17.21 -28.51
C ASP B 330 8.35 -18.32 -27.68
N GLN B 331 9.26 -17.93 -26.79
CA GLN B 331 9.90 -18.89 -25.87
C GLN B 331 8.94 -19.61 -24.94
N ILE B 332 7.99 -18.89 -24.33
CA ILE B 332 6.96 -19.52 -23.52
C ILE B 332 6.22 -20.55 -24.37
N ASN B 333 5.85 -20.15 -25.58
CA ASN B 333 5.11 -21.07 -26.43
C ASN B 333 5.91 -22.31 -26.84
N ALA B 334 7.20 -22.19 -27.12
CA ALA B 334 8.07 -23.35 -27.35
C ALA B 334 8.16 -24.25 -26.12
N ILE B 335 8.31 -23.64 -24.93
CA ILE B 335 8.39 -24.39 -23.68
C ILE B 335 7.05 -25.06 -23.36
N LEU B 336 5.94 -24.37 -23.63
CA LEU B 336 4.62 -24.95 -23.41
C LEU B 336 4.40 -26.19 -24.28
N LYS B 337 4.87 -26.13 -25.52
CA LYS B 337 4.74 -27.28 -26.40
C LYS B 337 5.57 -28.47 -25.92
N GLN B 338 6.82 -28.22 -25.51
CA GLN B 338 7.64 -29.27 -24.89
C GLN B 338 6.88 -30.00 -23.79
N ASN B 339 6.28 -29.25 -22.87
CA ASN B 339 5.48 -29.79 -21.77
C ASN B 339 4.14 -30.37 -22.23
N MET B 340 3.79 -30.08 -23.49
CA MET B 340 2.64 -30.65 -24.19
C MET B 340 1.40 -29.77 -24.21
OP3 UFT C . -8.89 2.96 16.29
P UFT C . -9.24 2.27 14.99
OP1 UFT C . -9.68 0.85 15.13
OP2 UFT C . -10.18 3.10 14.16
O5' UFT C . -7.86 2.27 14.13
N1 UFT C . -4.35 -1.54 12.15
C6 UFT C . -3.14 -1.98 11.76
C2 UFT C . -5.06 -2.13 13.14
O2 UFT C . -6.18 -1.69 13.47
N3 UFT C . -4.59 -3.23 13.77
C4 UFT C . -3.37 -3.72 13.41
O4 UFT C . -2.94 -4.71 14.02
C5 UFT C . -2.61 -3.12 12.40
F2' UFT C . -6.00 -0.04 9.73
C2' UFT C . -6.20 0.00 11.07
C5' UFT C . -6.98 1.15 14.03
C4' UFT C . -5.94 1.45 12.95
O4' UFT C . -4.83 0.55 12.88
C1' UFT C . -4.82 -0.25 11.65
C3' UFT C . -6.48 1.42 11.52
O3' UFT C . -5.69 2.40 10.81
C1 PEG D . -20.54 10.64 24.73
O1 PEG D . -19.30 9.97 24.47
C2 PEG D . -21.00 11.44 23.50
O2 PEG D . -21.48 10.55 22.50
C3 PEG D . -22.39 11.19 21.60
C4 PEG D . -22.91 10.15 20.60
O4 PEG D . -21.81 9.43 20.04
OP3 UFT E . 9.90 -8.27 -13.76
P UFT E . 10.19 -7.43 -12.55
OP1 UFT E . 11.22 -7.96 -11.62
OP2 UFT E . 10.39 -6.00 -13.02
O5' UFT E . 8.79 -7.40 -11.75
N1 UFT E . 7.13 -8.74 -6.72
C6 UFT E . 6.18 -9.15 -5.84
C2 UFT E . 8.25 -9.44 -6.96
O2 UFT E . 9.16 -9.03 -7.74
N3 UFT E . 8.51 -10.57 -6.26
C4 UFT E . 7.57 -11.01 -5.39
O4 UFT E . 7.84 -12.08 -4.81
C5 UFT E . 6.39 -10.33 -5.14
F2' UFT E . 7.19 -5.40 -7.15
C2' UFT E . 7.67 -6.44 -7.91
C5' UFT E . 8.56 -8.09 -10.52
C4' UFT E . 7.20 -7.60 -9.96
O4' UFT E . 6.73 -8.38 -8.86
C1' UFT E . 6.79 -7.64 -7.60
C3' UFT E . 7.33 -6.22 -9.38
O3' UFT E . 6.04 -5.56 -9.55
P PO4 F . -19.50 -5.59 2.92
O1 PO4 F . -19.01 -4.23 2.47
O2 PO4 F . -18.59 -6.69 2.40
O3 PO4 F . -19.49 -5.63 4.44
O4 PO4 F . -20.88 -5.83 2.38
#